data_2EOS
#
_entry.id   2EOS
#
loop_
_entity.id
_entity.type
_entity.pdbx_description
1 polymer 'B-cell lymphoma 6 protein'
2 non-polymer 'ZINC ION'
#
_entity_poly.entity_id   1
_entity_poly.type   'polypeptide(L)'
_entity_poly.pdbx_seq_one_letter_code
;GSSGSSGGEKPYPCEICGTRFRHLQTLKSHLRIHTGSGPSSG
;
_entity_poly.pdbx_strand_id   A
#
loop_
_chem_comp.id
_chem_comp.type
_chem_comp.name
_chem_comp.formula
ZN non-polymer 'ZINC ION' 'Zn 2'
#
# COMPACT_ATOMS: atom_id res chain seq x y z
N GLY A 1 14.14 10.21 8.91
CA GLY A 1 14.87 9.49 9.95
C GLY A 1 14.93 8.00 9.69
N SER A 2 14.36 7.23 10.60
CA SER A 2 14.35 5.77 10.48
C SER A 2 13.13 5.30 9.69
N SER A 3 13.20 4.07 9.18
CA SER A 3 12.11 3.50 8.41
C SER A 3 11.48 2.33 9.14
N GLY A 4 10.15 2.26 9.10
CA GLY A 4 9.45 1.18 9.76
C GLY A 4 8.07 1.59 10.24
N SER A 5 7.56 0.90 11.25
CA SER A 5 6.24 1.20 11.80
C SER A 5 6.08 2.69 12.05
N SER A 6 4.82 3.14 12.14
CA SER A 6 4.53 4.55 12.37
C SER A 6 3.86 4.75 13.73
N GLY A 7 2.82 3.96 13.99
CA GLY A 7 2.10 4.08 15.25
C GLY A 7 0.94 5.04 15.16
N GLY A 8 -0.02 4.73 14.30
CA GLY A 8 -1.18 5.59 14.15
C GLY A 8 -2.07 5.16 13.00
N GLU A 9 -1.69 5.54 11.78
CA GLU A 9 -2.47 5.19 10.59
C GLU A 9 -1.56 4.69 9.48
N LYS A 10 -1.79 3.46 9.04
CA LYS A 10 -1.00 2.87 7.97
C LYS A 10 0.42 2.59 8.44
N PRO A 11 0.55 1.83 9.55
CA PRO A 11 1.85 1.47 10.13
C PRO A 11 2.61 0.49 9.25
N TYR A 12 2.05 0.16 8.10
CA TYR A 12 2.69 -0.77 7.17
C TYR A 12 3.00 -0.08 5.84
N PRO A 13 4.17 0.55 5.77
CA PRO A 13 4.62 1.27 4.56
C PRO A 13 4.97 0.30 3.44
N CYS A 14 4.61 0.68 2.21
CA CYS A 14 4.89 -0.14 1.05
C CYS A 14 6.40 -0.28 0.82
N GLU A 15 6.78 -1.29 0.05
CA GLU A 15 8.19 -1.53 -0.24
C GLU A 15 8.56 -0.98 -1.62
N ILE A 16 7.64 -1.11 -2.57
CA ILE A 16 7.89 -0.62 -3.92
C ILE A 16 7.97 0.90 -3.95
N CYS A 17 6.83 1.56 -3.78
CA CYS A 17 6.78 3.01 -3.78
C CYS A 17 6.92 3.56 -2.36
N GLY A 18 6.17 3.00 -1.44
CA GLY A 18 6.23 3.45 -0.06
C GLY A 18 4.86 3.66 0.55
N THR A 19 3.88 3.97 -0.30
CA THR A 19 2.52 4.21 0.15
C THR A 19 2.11 3.20 1.22
N ARG A 20 1.80 3.71 2.41
CA ARG A 20 1.40 2.85 3.53
C ARG A 20 -0.06 2.44 3.39
N PHE A 21 -0.48 1.50 4.23
CA PHE A 21 -1.85 1.01 4.20
C PHE A 21 -2.35 0.70 5.61
N ARG A 22 -3.53 1.22 5.95
CA ARG A 22 -4.12 0.99 7.27
C ARG A 22 -3.75 -0.39 7.80
N HIS A 23 -3.93 -1.41 6.96
CA HIS A 23 -3.62 -2.78 7.35
C HIS A 23 -2.53 -3.37 6.46
N LEU A 24 -1.91 -4.45 6.92
CA LEU A 24 -0.86 -5.11 6.17
C LEU A 24 -1.44 -5.94 5.03
N GLN A 25 -2.21 -6.96 5.37
CA GLN A 25 -2.82 -7.83 4.38
C GLN A 25 -3.21 -7.05 3.13
N THR A 26 -3.66 -5.80 3.34
CA THR A 26 -4.07 -4.96 2.23
C THR A 26 -2.87 -4.56 1.37
N LEU A 27 -1.83 -4.04 2.02
CA LEU A 27 -0.62 -3.62 1.33
C LEU A 27 -0.13 -4.71 0.38
N LYS A 28 -0.02 -5.92 0.90
CA LYS A 28 0.43 -7.06 0.10
C LYS A 28 -0.29 -7.10 -1.25
N SER A 29 -1.56 -6.73 -1.24
CA SER A 29 -2.36 -6.73 -2.47
C SER A 29 -2.06 -5.50 -3.31
N HIS A 30 -1.56 -4.44 -2.65
CA HIS A 30 -1.23 -3.21 -3.35
C HIS A 30 0.03 -3.38 -4.20
N LEU A 31 0.76 -4.44 -3.94
CA LEU A 31 1.99 -4.72 -4.67
C LEU A 31 1.68 -5.32 -6.04
N ARG A 32 0.42 -5.70 -6.25
CA ARG A 32 -0.01 -6.29 -7.51
C ARG A 32 0.17 -5.30 -8.65
N ILE A 33 -0.19 -4.04 -8.41
CA ILE A 33 -0.08 -3.00 -9.42
C ILE A 33 1.39 -2.68 -9.72
N HIS A 34 2.26 -2.92 -8.73
CA HIS A 34 3.67 -2.66 -8.88
C HIS A 34 4.33 -3.70 -9.80
N THR A 35 4.13 -4.98 -9.48
CA THR A 35 4.69 -6.06 -10.27
C THR A 35 3.62 -6.71 -11.14
N GLY A 36 3.93 -6.88 -12.43
CA GLY A 36 2.99 -7.50 -13.34
C GLY A 36 3.21 -7.07 -14.78
N SER A 37 4.21 -7.67 -15.42
CA SER A 37 4.53 -7.35 -16.80
C SER A 37 3.88 -8.35 -17.76
N GLY A 38 2.79 -7.92 -18.41
CA GLY A 38 2.10 -8.78 -19.33
C GLY A 38 0.61 -8.88 -19.04
N PRO A 39 -0.03 -9.96 -19.52
CA PRO A 39 -1.45 -10.19 -19.31
C PRO A 39 -1.79 -10.52 -17.87
N SER A 40 -0.75 -10.76 -17.06
CA SER A 40 -0.94 -11.09 -15.65
C SER A 40 -1.17 -9.83 -14.83
N SER A 41 -2.26 -9.83 -14.07
CA SER A 41 -2.60 -8.69 -13.23
C SER A 41 -2.93 -7.46 -14.08
N GLY A 42 -3.67 -7.69 -15.16
CA GLY A 42 -4.05 -6.60 -16.04
C GLY A 42 -3.22 -6.58 -17.32
ZN ZN B . 3.50 0.79 -3.40
N GLY A 1 -22.09 18.12 -1.29
CA GLY A 1 -21.63 17.95 0.08
C GLY A 1 -20.61 16.83 0.21
N SER A 2 -19.39 17.17 0.61
CA SER A 2 -18.33 16.18 0.78
C SER A 2 -18.65 15.23 1.93
N SER A 3 -17.86 14.17 2.05
CA SER A 3 -18.05 13.18 3.11
C SER A 3 -16.71 12.72 3.66
N GLY A 4 -16.54 12.89 4.97
CA GLY A 4 -15.30 12.48 5.62
C GLY A 4 -15.42 11.15 6.32
N SER A 5 -15.29 11.16 7.64
CA SER A 5 -15.38 9.94 8.44
C SER A 5 -14.36 8.91 7.96
N SER A 6 -13.15 9.37 7.66
CA SER A 6 -12.09 8.48 7.20
C SER A 6 -10.78 8.78 7.91
N GLY A 7 -10.14 7.74 8.43
CA GLY A 7 -8.88 7.91 9.12
C GLY A 7 -8.37 6.62 9.72
N GLY A 8 -7.36 6.04 9.06
CA GLY A 8 -6.78 4.79 9.54
C GLY A 8 -5.27 4.76 9.45
N GLU A 9 -4.61 4.80 10.59
CA GLU A 9 -3.15 4.79 10.64
C GLU A 9 -2.59 3.70 9.74
N LYS A 10 -1.60 4.06 8.92
CA LYS A 10 -0.98 3.11 8.00
C LYS A 10 0.42 2.73 8.49
N PRO A 11 0.48 1.94 9.57
CA PRO A 11 1.74 1.49 10.16
C PRO A 11 2.46 0.49 9.26
N TYR A 12 1.89 0.22 8.10
CA TYR A 12 2.47 -0.74 7.16
C TYR A 12 2.82 -0.04 5.84
N PRO A 13 4.03 0.55 5.80
CA PRO A 13 4.53 1.24 4.61
C PRO A 13 4.84 0.29 3.46
N CYS A 14 4.65 0.75 2.24
CA CYS A 14 4.92 -0.05 1.05
C CYS A 14 6.41 -0.21 0.83
N GLU A 15 6.79 -1.21 0.03
CA GLU A 15 8.19 -1.46 -0.27
C GLU A 15 8.56 -0.92 -1.64
N ILE A 16 7.64 -1.07 -2.60
CA ILE A 16 7.87 -0.60 -3.96
C ILE A 16 7.97 0.92 -4.01
N CYS A 17 6.83 1.58 -3.83
CA CYS A 17 6.78 3.04 -3.85
C CYS A 17 7.00 3.62 -2.45
N GLY A 18 6.28 3.06 -1.48
CA GLY A 18 6.40 3.54 -0.11
C GLY A 18 5.06 3.76 0.55
N THR A 19 4.03 3.93 -0.27
CA THR A 19 2.67 4.16 0.24
C THR A 19 2.37 3.23 1.41
N ARG A 20 1.70 3.78 2.43
CA ARG A 20 1.35 2.99 3.61
C ARG A 20 -0.12 2.62 3.58
N PHE A 21 -0.44 1.44 4.13
CA PHE A 21 -1.82 0.96 4.16
C PHE A 21 -2.26 0.67 5.58
N ARG A 22 -3.49 1.02 5.91
CA ARG A 22 -4.03 0.79 7.25
C ARG A 22 -3.59 -0.56 7.79
N HIS A 23 -3.79 -1.61 6.99
CA HIS A 23 -3.42 -2.95 7.39
C HIS A 23 -2.43 -3.56 6.39
N LEU A 24 -1.75 -4.62 6.81
CA LEU A 24 -0.77 -5.29 5.96
C LEU A 24 -1.47 -6.11 4.87
N GLN A 25 -2.34 -7.01 5.30
CA GLN A 25 -3.08 -7.86 4.37
C GLN A 25 -3.48 -7.09 3.13
N THR A 26 -3.75 -5.79 3.31
CA THR A 26 -4.16 -4.94 2.19
C THR A 26 -2.94 -4.49 1.38
N LEU A 27 -1.87 -4.14 2.07
CA LEU A 27 -0.65 -3.68 1.41
C LEU A 27 -0.11 -4.76 0.48
N LYS A 28 -0.01 -5.98 0.99
CA LYS A 28 0.50 -7.11 0.21
C LYS A 28 -0.24 -7.21 -1.12
N SER A 29 -1.49 -6.75 -1.14
CA SER A 29 -2.31 -6.78 -2.34
C SER A 29 -2.06 -5.56 -3.21
N HIS A 30 -1.54 -4.50 -2.59
CA HIS A 30 -1.26 -3.26 -3.30
C HIS A 30 -0.04 -3.41 -4.21
N LEU A 31 0.76 -4.44 -3.94
CA LEU A 31 1.97 -4.70 -4.73
C LEU A 31 1.60 -5.33 -6.07
N ARG A 32 0.32 -5.59 -6.27
CA ARG A 32 -0.15 -6.19 -7.51
C ARG A 32 0.00 -5.23 -8.68
N ILE A 33 -0.12 -3.93 -8.39
CA ILE A 33 -0.01 -2.90 -9.41
C ILE A 33 1.45 -2.58 -9.69
N HIS A 34 2.33 -2.97 -8.78
CA HIS A 34 3.77 -2.73 -8.94
C HIS A 34 4.41 -3.78 -9.82
N THR A 35 4.11 -5.04 -9.55
CA THR A 35 4.66 -6.15 -10.33
C THR A 35 3.57 -6.86 -11.13
N GLY A 36 3.72 -6.86 -12.45
CA GLY A 36 2.74 -7.51 -13.30
C GLY A 36 3.37 -8.13 -14.54
N SER A 37 2.62 -9.00 -15.21
CA SER A 37 3.11 -9.67 -16.41
C SER A 37 2.30 -9.25 -17.63
N GLY A 38 2.76 -8.20 -18.30
CA GLY A 38 2.07 -7.72 -19.48
C GLY A 38 1.24 -6.49 -19.20
N PRO A 39 0.89 -5.75 -20.26
CA PRO A 39 0.09 -4.52 -20.15
C PRO A 39 -1.36 -4.80 -19.77
N SER A 40 -1.70 -4.51 -18.52
CA SER A 40 -3.05 -4.74 -18.03
C SER A 40 -3.82 -3.43 -17.90
N SER A 41 -4.97 -3.35 -18.55
CA SER A 41 -5.80 -2.15 -18.52
C SER A 41 -6.01 -1.68 -17.08
N GLY A 42 -5.23 -0.69 -16.68
CA GLY A 42 -5.35 -0.15 -15.33
C GLY A 42 -4.70 1.21 -15.19
ZN ZN B . 3.52 0.74 -3.47
N GLY A 1 5.93 25.15 8.68
CA GLY A 1 4.75 24.94 7.85
C GLY A 1 3.66 24.18 8.58
N SER A 2 2.83 23.46 7.83
CA SER A 2 1.75 22.69 8.41
C SER A 2 1.60 21.34 7.70
N SER A 3 1.78 20.26 8.45
CA SER A 3 1.67 18.91 7.90
C SER A 3 0.26 18.66 7.38
N GLY A 4 -0.72 18.75 8.27
CA GLY A 4 -2.11 18.52 7.89
C GLY A 4 -2.48 17.05 7.92
N SER A 5 -2.84 16.56 9.09
CA SER A 5 -3.22 15.16 9.25
C SER A 5 -3.99 14.66 8.03
N SER A 6 -3.84 13.38 7.73
CA SER A 6 -4.51 12.78 6.59
C SER A 6 -5.60 11.81 7.04
N GLY A 7 -5.23 10.91 7.94
CA GLY A 7 -6.17 9.93 8.45
C GLY A 7 -5.75 8.50 8.15
N GLY A 8 -5.57 7.70 9.19
CA GLY A 8 -5.16 6.32 9.01
C GLY A 8 -3.75 6.06 9.52
N GLU A 9 -3.63 5.12 10.45
CA GLU A 9 -2.33 4.77 11.03
C GLU A 9 -1.38 4.28 9.94
N LYS A 10 -1.88 3.41 9.07
CA LYS A 10 -1.07 2.86 7.99
C LYS A 10 0.37 2.60 8.45
N PRO A 11 0.51 1.88 9.57
CA PRO A 11 1.82 1.55 10.14
C PRO A 11 2.59 0.56 9.27
N TYR A 12 2.01 0.19 8.13
CA TYR A 12 2.64 -0.75 7.22
C TYR A 12 2.95 -0.08 5.88
N PRO A 13 4.13 0.56 5.79
CA PRO A 13 4.59 1.24 4.58
C PRO A 13 4.91 0.27 3.46
N CYS A 14 4.65 0.68 2.22
CA CYS A 14 4.92 -0.16 1.06
C CYS A 14 6.43 -0.30 0.83
N GLU A 15 6.81 -1.31 0.06
CA GLU A 15 8.21 -1.55 -0.24
C GLU A 15 8.58 -1.01 -1.61
N ILE A 16 7.68 -1.16 -2.57
CA ILE A 16 7.90 -0.68 -3.93
C ILE A 16 8.02 0.84 -3.97
N CYS A 17 6.89 1.52 -3.77
CA CYS A 17 6.86 2.98 -3.78
C CYS A 17 7.00 3.53 -2.37
N GLY A 18 6.22 2.99 -1.44
CA GLY A 18 6.27 3.44 -0.07
C GLY A 18 4.89 3.65 0.53
N THR A 19 3.91 3.92 -0.33
CA THR A 19 2.54 4.15 0.11
C THR A 19 2.16 3.18 1.22
N ARG A 20 1.77 3.73 2.37
CA ARG A 20 1.37 2.91 3.52
C ARG A 20 -0.09 2.51 3.40
N PHE A 21 -0.49 1.53 4.22
CA PHE A 21 -1.86 1.04 4.21
C PHE A 21 -2.34 0.75 5.63
N ARG A 22 -3.54 1.21 5.95
CA ARG A 22 -4.12 0.99 7.28
C ARG A 22 -3.76 -0.39 7.81
N HIS A 23 -3.89 -1.40 6.94
CA HIS A 23 -3.59 -2.77 7.32
C HIS A 23 -2.48 -3.35 6.45
N LEU A 24 -1.89 -4.44 6.90
CA LEU A 24 -0.81 -5.09 6.15
C LEU A 24 -1.37 -5.93 5.02
N GLN A 25 -2.15 -6.95 5.37
CA GLN A 25 -2.74 -7.83 4.39
C GLN A 25 -3.11 -7.07 3.12
N THR A 26 -3.74 -5.91 3.29
CA THR A 26 -4.14 -5.08 2.16
C THR A 26 -2.93 -4.66 1.33
N LEU A 27 -1.94 -4.08 2.00
CA LEU A 27 -0.73 -3.63 1.32
C LEU A 27 -0.17 -4.73 0.43
N LYS A 28 -0.01 -5.92 0.98
CA LYS A 28 0.52 -7.05 0.23
C LYS A 28 -0.13 -7.15 -1.14
N SER A 29 -1.41 -6.78 -1.21
CA SER A 29 -2.15 -6.82 -2.48
C SER A 29 -1.84 -5.59 -3.32
N HIS A 30 -1.61 -4.47 -2.66
CA HIS A 30 -1.30 -3.22 -3.35
C HIS A 30 -0.07 -3.38 -4.24
N LEU A 31 0.76 -4.38 -3.93
CA LEU A 31 1.97 -4.63 -4.70
C LEU A 31 1.63 -5.21 -6.07
N ARG A 32 0.36 -5.56 -6.26
CA ARG A 32 -0.10 -6.12 -7.52
C ARG A 32 0.13 -5.14 -8.67
N ILE A 33 -0.27 -3.89 -8.45
CA ILE A 33 -0.11 -2.85 -9.46
C ILE A 33 1.36 -2.56 -9.74
N HIS A 34 2.22 -2.95 -8.79
CA HIS A 34 3.65 -2.73 -8.93
C HIS A 34 4.28 -3.80 -9.81
N THR A 35 4.08 -5.07 -9.44
CA THR A 35 4.63 -6.18 -10.21
C THR A 35 3.59 -6.73 -11.19
N GLY A 36 4.01 -6.90 -12.44
CA GLY A 36 3.11 -7.42 -13.45
C GLY A 36 2.59 -6.33 -14.37
N SER A 37 1.84 -5.39 -13.81
CA SER A 37 1.28 -4.30 -14.59
C SER A 37 2.33 -3.23 -14.87
N GLY A 38 2.02 -2.33 -15.80
CA GLY A 38 2.95 -1.27 -16.15
C GLY A 38 3.20 -0.33 -15.00
N PRO A 39 4.38 0.32 -15.00
CA PRO A 39 4.77 1.27 -13.94
C PRO A 39 3.95 2.56 -14.00
N SER A 40 3.01 2.62 -14.93
CA SER A 40 2.17 3.79 -15.09
C SER A 40 3.00 5.01 -15.49
N SER A 41 3.90 4.81 -16.44
CA SER A 41 4.77 5.89 -16.91
C SER A 41 5.25 6.75 -15.74
N GLY A 42 5.65 6.10 -14.67
CA GLY A 42 6.12 6.82 -13.49
C GLY A 42 6.38 5.90 -12.31
ZN ZN B . 3.55 0.78 -3.45
N GLY A 1 -4.82 8.72 -7.41
CA GLY A 1 -4.97 8.15 -6.09
C GLY A 1 -6.15 8.73 -5.33
N SER A 2 -6.20 8.47 -4.03
CA SER A 2 -7.29 8.97 -3.19
C SER A 2 -6.84 10.19 -2.38
N SER A 3 -7.65 11.24 -2.40
CA SER A 3 -7.34 12.46 -1.68
C SER A 3 -7.19 12.19 -0.19
N GLY A 4 -6.77 13.21 0.56
CA GLY A 4 -6.59 13.06 1.99
C GLY A 4 -7.64 12.15 2.61
N SER A 5 -7.28 11.51 3.72
CA SER A 5 -8.20 10.61 4.41
C SER A 5 -7.81 10.47 5.87
N SER A 6 -8.82 10.35 6.73
CA SER A 6 -8.59 10.21 8.17
C SER A 6 -9.27 8.95 8.71
N GLY A 7 -8.84 8.51 9.89
CA GLY A 7 -9.42 7.33 10.49
C GLY A 7 -8.80 6.04 9.97
N GLY A 8 -7.66 5.66 10.54
CA GLY A 8 -6.99 4.45 10.10
C GLY A 8 -5.55 4.70 9.71
N GLU A 9 -4.65 4.66 10.69
CA GLU A 9 -3.23 4.88 10.44
C GLU A 9 -2.65 3.77 9.57
N LYS A 10 -1.66 4.12 8.76
CA LYS A 10 -1.01 3.15 7.88
C LYS A 10 0.38 2.79 8.39
N PRO A 11 0.43 2.02 9.49
CA PRO A 11 1.68 1.59 10.10
C PRO A 11 2.42 0.57 9.24
N TYR A 12 1.87 0.28 8.07
CA TYR A 12 2.48 -0.68 7.15
C TYR A 12 2.85 -0.02 5.84
N PRO A 13 4.05 0.58 5.80
CA PRO A 13 4.55 1.26 4.60
C PRO A 13 4.90 0.28 3.48
N CYS A 14 4.75 0.73 2.23
CA CYS A 14 5.04 -0.10 1.09
C CYS A 14 6.55 -0.24 0.87
N GLU A 15 6.95 -1.24 0.10
CA GLU A 15 8.35 -1.48 -0.18
C GLU A 15 8.74 -0.94 -1.55
N ILE A 16 7.84 -1.10 -2.52
CA ILE A 16 8.08 -0.64 -3.88
C ILE A 16 8.15 0.89 -3.93
N CYS A 17 6.99 1.53 -3.80
CA CYS A 17 6.91 2.98 -3.82
C CYS A 17 7.07 3.56 -2.42
N GLY A 18 6.33 3.01 -1.46
CA GLY A 18 6.40 3.48 -0.10
C GLY A 18 5.04 3.71 0.52
N THR A 19 4.04 3.94 -0.33
CA THR A 19 2.69 4.16 0.14
C THR A 19 2.32 3.21 1.27
N ARG A 20 1.79 3.76 2.36
CA ARG A 20 1.40 2.95 3.50
C ARG A 20 -0.07 2.55 3.42
N PHE A 21 -0.44 1.50 4.15
CA PHE A 21 -1.82 1.03 4.15
C PHE A 21 -2.30 0.76 5.58
N ARG A 22 -3.58 1.05 5.82
CA ARG A 22 -4.16 0.84 7.15
C ARG A 22 -3.77 -0.53 7.70
N HIS A 23 -4.05 -1.57 6.93
CA HIS A 23 -3.73 -2.94 7.35
C HIS A 23 -2.64 -3.54 6.48
N LEU A 24 -2.04 -4.62 6.95
CA LEU A 24 -0.97 -5.29 6.21
C LEU A 24 -1.54 -6.13 5.07
N GLN A 25 -2.35 -7.13 5.42
CA GLN A 25 -2.96 -8.00 4.42
C GLN A 25 -3.28 -7.23 3.14
N THR A 26 -3.72 -5.99 3.30
CA THR A 26 -4.07 -5.15 2.17
C THR A 26 -2.82 -4.70 1.41
N LEU A 27 -1.83 -4.20 2.15
CA LEU A 27 -0.59 -3.75 1.54
C LEU A 27 -0.03 -4.80 0.59
N LYS A 28 -0.01 -6.05 1.04
CA LYS A 28 0.49 -7.15 0.22
C LYS A 28 -0.24 -7.22 -1.11
N SER A 29 -1.49 -6.78 -1.12
CA SER A 29 -2.30 -6.79 -2.33
C SER A 29 -2.05 -5.54 -3.18
N HIS A 30 -1.44 -4.54 -2.56
CA HIS A 30 -1.12 -3.29 -3.25
C HIS A 30 0.08 -3.46 -4.16
N LEU A 31 0.93 -4.44 -3.85
CA LEU A 31 2.12 -4.70 -4.65
C LEU A 31 1.75 -5.33 -5.98
N ARG A 32 0.47 -5.57 -6.18
CA ARG A 32 -0.02 -6.18 -7.42
C ARG A 32 0.07 -5.18 -8.57
N ILE A 33 -0.25 -3.93 -8.29
CA ILE A 33 -0.22 -2.88 -9.30
C ILE A 33 1.22 -2.50 -9.66
N HIS A 34 2.15 -2.90 -8.80
CA HIS A 34 3.57 -2.61 -9.02
C HIS A 34 4.19 -3.60 -10.01
N THR A 35 3.86 -4.88 -9.84
CA THR A 35 4.37 -5.92 -10.72
C THR A 35 3.25 -6.58 -11.52
N GLY A 36 3.45 -6.68 -12.83
CA GLY A 36 2.45 -7.28 -13.68
C GLY A 36 3.02 -7.74 -15.01
N SER A 37 2.34 -8.69 -15.66
CA SER A 37 2.78 -9.21 -16.94
C SER A 37 2.27 -8.34 -18.09
N GLY A 38 3.16 -7.57 -18.70
CA GLY A 38 2.78 -6.72 -19.80
C GLY A 38 2.86 -5.25 -19.44
N PRO A 39 1.71 -4.67 -19.06
CA PRO A 39 1.63 -3.26 -18.68
C PRO A 39 2.33 -2.96 -17.36
N SER A 40 3.09 -1.87 -17.33
CA SER A 40 3.82 -1.47 -16.13
C SER A 40 3.33 -0.12 -15.62
N SER A 41 3.49 0.91 -16.45
CA SER A 41 3.07 2.25 -16.08
C SER A 41 1.55 2.39 -16.14
N GLY A 42 0.94 2.70 -15.01
CA GLY A 42 -0.50 2.86 -14.95
C GLY A 42 -0.92 3.93 -13.97
ZN ZN B . 3.67 0.67 -3.45
N GLY A 1 -15.22 14.01 -2.57
CA GLY A 1 -14.58 12.79 -3.05
C GLY A 1 -13.92 12.01 -1.93
N SER A 2 -12.92 11.21 -2.30
CA SER A 2 -12.20 10.40 -1.32
C SER A 2 -10.81 10.97 -1.07
N SER A 3 -10.69 11.81 -0.04
CA SER A 3 -9.42 12.42 0.30
C SER A 3 -9.44 12.94 1.74
N GLY A 4 -8.26 12.95 2.37
CA GLY A 4 -8.16 13.41 3.74
C GLY A 4 -7.27 12.54 4.59
N SER A 5 -6.32 13.17 5.28
CA SER A 5 -5.39 12.43 6.13
C SER A 5 -5.78 12.56 7.60
N SER A 6 -7.07 12.44 7.87
CA SER A 6 -7.58 12.55 9.23
C SER A 6 -8.31 11.28 9.64
N GLY A 7 -7.66 10.48 10.50
CA GLY A 7 -8.26 9.24 10.95
C GLY A 7 -7.50 8.02 10.46
N GLY A 8 -7.53 6.95 11.26
CA GLY A 8 -6.83 5.73 10.89
C GLY A 8 -5.33 5.88 10.93
N GLU A 9 -4.61 4.83 10.53
CA GLU A 9 -3.16 4.85 10.54
C GLU A 9 -2.58 3.73 9.66
N LYS A 10 -1.60 4.08 8.85
CA LYS A 10 -0.98 3.11 7.95
C LYS A 10 0.42 2.75 8.45
N PRO A 11 0.48 1.97 9.54
CA PRO A 11 1.75 1.53 10.13
C PRO A 11 2.47 0.51 9.26
N TYR A 12 1.92 0.24 8.08
CA TYR A 12 2.51 -0.70 7.14
C TYR A 12 2.89 -0.02 5.83
N PRO A 13 4.07 0.59 5.80
CA PRO A 13 4.57 1.30 4.61
C PRO A 13 4.93 0.34 3.49
N CYS A 14 4.63 0.75 2.26
CA CYS A 14 4.93 -0.07 1.09
C CYS A 14 6.44 -0.22 0.89
N GLU A 15 6.83 -1.22 0.10
CA GLU A 15 8.24 -1.45 -0.17
C GLU A 15 8.63 -0.92 -1.55
N ILE A 16 7.73 -1.09 -2.52
CA ILE A 16 7.97 -0.63 -3.88
C ILE A 16 8.05 0.90 -3.93
N CYS A 17 6.89 1.55 -3.78
CA CYS A 17 6.84 3.00 -3.82
C CYS A 17 7.00 3.59 -2.42
N GLY A 18 6.26 3.05 -1.46
CA GLY A 18 6.34 3.53 -0.10
C GLY A 18 4.98 3.75 0.53
N THR A 19 3.96 3.92 -0.32
CA THR A 19 2.60 4.14 0.16
C THR A 19 2.27 3.21 1.32
N ARG A 20 1.73 3.78 2.39
CA ARG A 20 1.36 3.00 3.57
C ARG A 20 -0.11 2.59 3.51
N PHE A 21 -0.43 1.46 4.13
CA PHE A 21 -1.80 0.96 4.15
C PHE A 21 -2.25 0.66 5.58
N ARG A 22 -3.49 1.04 5.89
CA ARG A 22 -4.04 0.82 7.22
C ARG A 22 -3.62 -0.55 7.76
N HIS A 23 -3.86 -1.59 6.97
CA HIS A 23 -3.50 -2.95 7.37
C HIS A 23 -2.52 -3.57 6.38
N LEU A 24 -1.80 -4.59 6.83
CA LEU A 24 -0.83 -5.28 5.99
C LEU A 24 -1.52 -6.12 4.92
N GLN A 25 -2.38 -7.03 5.37
CA GLN A 25 -3.11 -7.90 4.45
C GLN A 25 -3.52 -7.14 3.19
N THR A 26 -3.71 -5.83 3.32
CA THR A 26 -4.11 -5.00 2.20
C THR A 26 -2.89 -4.56 1.39
N LEU A 27 -1.84 -4.15 2.09
CA LEU A 27 -0.61 -3.70 1.43
C LEU A 27 -0.08 -4.78 0.49
N LYS A 28 -0.02 -6.01 0.98
CA LYS A 28 0.47 -7.13 0.17
C LYS A 28 -0.29 -7.22 -1.15
N SER A 29 -1.55 -6.77 -1.14
CA SER A 29 -2.37 -6.80 -2.34
C SER A 29 -2.14 -5.57 -3.20
N HIS A 30 -1.53 -4.54 -2.60
CA HIS A 30 -1.24 -3.30 -3.31
C HIS A 30 -0.02 -3.47 -4.21
N LEU A 31 0.83 -4.43 -3.87
CA LEU A 31 2.05 -4.69 -4.65
C LEU A 31 1.71 -5.32 -5.99
N ARG A 32 0.42 -5.59 -6.20
CA ARG A 32 -0.04 -6.21 -7.45
C ARG A 32 0.07 -5.22 -8.60
N ILE A 33 -0.12 -3.93 -8.30
CA ILE A 33 -0.04 -2.89 -9.32
C ILE A 33 1.41 -2.52 -9.62
N HIS A 34 2.31 -3.01 -8.78
CA HIS A 34 3.74 -2.73 -8.96
C HIS A 34 4.38 -3.75 -9.90
N THR A 35 3.96 -5.00 -9.78
CA THR A 35 4.49 -6.07 -10.62
C THR A 35 3.41 -6.65 -11.53
N GLY A 36 3.63 -6.54 -12.84
CA GLY A 36 2.67 -7.06 -13.79
C GLY A 36 3.26 -7.26 -15.16
N SER A 37 3.80 -6.18 -15.74
CA SER A 37 4.41 -6.25 -17.06
C SER A 37 5.42 -7.37 -17.15
N GLY A 38 6.35 -7.40 -16.19
CA GLY A 38 7.38 -8.43 -16.18
C GLY A 38 7.78 -8.82 -14.77
N PRO A 39 8.19 -10.08 -14.59
CA PRO A 39 8.61 -10.60 -13.30
C PRO A 39 9.94 -10.01 -12.82
N SER A 40 10.69 -9.47 -13.78
CA SER A 40 11.99 -8.88 -13.46
C SER A 40 11.84 -7.38 -13.20
N SER A 41 12.62 -6.88 -12.23
CA SER A 41 12.57 -5.47 -11.88
C SER A 41 13.66 -4.69 -12.60
N GLY A 42 13.84 -5.00 -13.88
CA GLY A 42 14.86 -4.32 -14.68
C GLY A 42 14.71 -4.59 -16.16
ZN ZN B . 3.60 0.67 -3.45
N GLY A 1 -6.92 17.57 18.44
CA GLY A 1 -5.71 17.99 19.10
C GLY A 1 -5.19 16.95 20.08
N SER A 2 -4.41 16.00 19.58
CA SER A 2 -3.85 14.94 20.41
C SER A 2 -2.34 15.10 20.56
N SER A 3 -1.76 14.30 21.45
CA SER A 3 -0.32 14.37 21.70
C SER A 3 0.46 14.11 20.42
N GLY A 4 0.02 13.11 19.65
CA GLY A 4 0.69 12.77 18.41
C GLY A 4 0.28 13.68 17.26
N SER A 5 1.26 14.33 16.64
CA SER A 5 0.99 15.23 15.53
C SER A 5 0.56 14.46 14.29
N SER A 6 1.42 13.56 13.83
CA SER A 6 1.14 12.76 12.65
C SER A 6 1.72 11.35 12.79
N GLY A 7 1.11 10.39 12.11
CA GLY A 7 1.57 9.01 12.18
C GLY A 7 0.52 8.07 12.73
N GLY A 8 0.93 6.84 13.02
CA GLY A 8 0.01 5.85 13.55
C GLY A 8 -0.74 5.11 12.46
N GLU A 9 -1.63 5.83 11.76
CA GLU A 9 -2.41 5.24 10.68
C GLU A 9 -1.50 4.71 9.57
N LYS A 10 -1.83 3.52 9.06
CA LYS A 10 -1.05 2.90 8.00
C LYS A 10 0.38 2.65 8.45
N PRO A 11 0.53 1.94 9.58
CA PRO A 11 1.85 1.61 10.14
C PRO A 11 2.61 0.62 9.28
N TYR A 12 2.02 0.25 8.15
CA TYR A 12 2.66 -0.70 7.24
C TYR A 12 2.96 -0.06 5.89
N PRO A 13 4.13 0.58 5.79
CA PRO A 13 4.57 1.26 4.56
C PRO A 13 4.91 0.27 3.45
N CYS A 14 4.71 0.69 2.21
CA CYS A 14 4.98 -0.15 1.06
C CYS A 14 6.48 -0.27 0.83
N GLU A 15 6.87 -1.29 0.07
CA GLU A 15 8.29 -1.52 -0.23
C GLU A 15 8.64 -0.97 -1.61
N ILE A 16 7.73 -1.12 -2.56
CA ILE A 16 7.95 -0.64 -3.92
C ILE A 16 8.05 0.88 -3.95
N CYS A 17 6.91 1.54 -3.77
CA CYS A 17 6.86 3.00 -3.78
C CYS A 17 6.98 3.56 -2.36
N GLY A 18 6.20 3.00 -1.45
CA GLY A 18 6.23 3.46 -0.06
C GLY A 18 4.84 3.64 0.51
N THR A 19 3.88 3.92 -0.35
CA THR A 19 2.50 4.12 0.09
C THR A 19 2.14 3.16 1.22
N ARG A 20 1.73 3.72 2.35
CA ARG A 20 1.35 2.92 3.51
C ARG A 20 -0.12 2.51 3.43
N PHE A 21 -0.50 1.52 4.23
CA PHE A 21 -1.87 1.04 4.26
C PHE A 21 -2.33 0.76 5.68
N ARG A 22 -3.55 1.16 6.00
CA ARG A 22 -4.11 0.96 7.33
C ARG A 22 -3.74 -0.44 7.86
N HIS A 23 -3.84 -1.44 6.99
CA HIS A 23 -3.52 -2.81 7.37
C HIS A 23 -2.43 -3.39 6.47
N LEU A 24 -1.86 -4.51 6.89
CA LEU A 24 -0.80 -5.15 6.11
C LEU A 24 -1.39 -6.01 5.00
N GLN A 25 -2.16 -7.02 5.37
CA GLN A 25 -2.78 -7.91 4.40
C GLN A 25 -3.17 -7.15 3.13
N THR A 26 -3.72 -5.95 3.31
CA THR A 26 -4.14 -5.13 2.19
C THR A 26 -2.93 -4.68 1.36
N LEU A 27 -1.94 -4.09 2.03
CA LEU A 27 -0.74 -3.63 1.35
C LEU A 27 -0.20 -4.69 0.40
N LYS A 28 -0.12 -5.92 0.88
CA LYS A 28 0.38 -7.03 0.07
C LYS A 28 -0.33 -7.08 -1.28
N SER A 29 -1.62 -6.71 -1.28
CA SER A 29 -2.41 -6.72 -2.50
C SER A 29 -2.12 -5.48 -3.34
N HIS A 30 -1.61 -4.44 -2.69
CA HIS A 30 -1.29 -3.19 -3.38
C HIS A 30 -0.04 -3.35 -4.24
N LEU A 31 0.77 -4.34 -3.91
CA LEU A 31 2.00 -4.60 -4.66
C LEU A 31 1.69 -5.22 -6.02
N ARG A 32 0.44 -5.60 -6.22
CA ARG A 32 0.00 -6.21 -7.47
C ARG A 32 0.22 -5.25 -8.64
N ILE A 33 -0.15 -3.99 -8.43
CA ILE A 33 0.00 -2.97 -9.47
C ILE A 33 1.47 -2.70 -9.75
N HIS A 34 2.31 -2.93 -8.75
CA HIS A 34 3.75 -2.71 -8.90
C HIS A 34 4.39 -3.79 -9.78
N THR A 35 4.01 -5.04 -9.54
CA THR A 35 4.54 -6.16 -10.30
C THR A 35 3.46 -6.77 -11.20
N GLY A 36 2.62 -5.91 -11.77
CA GLY A 36 1.56 -6.39 -12.64
C GLY A 36 1.74 -5.95 -14.08
N SER A 37 0.83 -5.11 -14.56
CA SER A 37 0.89 -4.61 -15.93
C SER A 37 2.21 -3.88 -16.18
N GLY A 38 2.87 -4.25 -17.28
CA GLY A 38 4.14 -3.63 -17.62
C GLY A 38 4.02 -2.12 -17.78
N PRO A 39 5.14 -1.41 -17.53
CA PRO A 39 5.17 0.05 -17.65
C PRO A 39 5.09 0.52 -19.10
N SER A 40 4.94 -0.43 -20.01
CA SER A 40 4.84 -0.11 -21.43
C SER A 40 3.44 0.34 -21.79
N SER A 41 2.85 1.20 -20.96
CA SER A 41 1.51 1.70 -21.19
C SER A 41 1.22 2.90 -20.30
N GLY A 42 1.11 4.08 -20.91
CA GLY A 42 0.84 5.28 -20.15
C GLY A 42 0.55 6.47 -21.05
ZN ZN B . 3.56 0.80 -3.39
N GLY A 1 -1.81 1.73 28.60
CA GLY A 1 -1.74 2.76 27.59
C GLY A 1 -2.09 2.25 26.21
N SER A 2 -1.38 2.75 25.20
CA SER A 2 -1.63 2.33 23.82
C SER A 2 -0.32 2.29 23.03
N SER A 3 -0.08 1.17 22.36
CA SER A 3 1.14 1.01 21.56
C SER A 3 1.15 1.96 20.37
N GLY A 4 1.51 3.21 20.63
CA GLY A 4 1.56 4.21 19.58
C GLY A 4 2.49 5.35 19.90
N SER A 5 3.64 5.38 19.23
CA SER A 5 4.63 6.44 19.45
C SER A 5 4.19 7.74 18.79
N SER A 6 3.94 7.68 17.49
CA SER A 6 3.51 8.86 16.74
C SER A 6 2.27 8.56 15.92
N GLY A 7 1.10 8.66 16.56
CA GLY A 7 -0.14 8.39 15.87
C GLY A 7 -0.40 6.91 15.68
N GLY A 8 -1.12 6.57 14.61
CA GLY A 8 -1.42 5.17 14.34
C GLY A 8 -2.28 5.00 13.10
N GLU A 9 -1.67 5.20 11.94
CA GLU A 9 -2.39 5.06 10.67
C GLU A 9 -1.46 4.57 9.58
N LYS A 10 -1.78 3.41 9.02
CA LYS A 10 -0.98 2.82 7.95
C LYS A 10 0.44 2.55 8.43
N PRO A 11 0.57 1.79 9.53
CA PRO A 11 1.86 1.45 10.12
C PRO A 11 2.64 0.47 9.23
N TYR A 12 2.09 0.16 8.07
CA TYR A 12 2.74 -0.77 7.15
C TYR A 12 3.04 -0.08 5.81
N PRO A 13 4.20 0.58 5.74
CA PRO A 13 4.63 1.29 4.52
C PRO A 13 4.99 0.33 3.40
N CYS A 14 4.64 0.72 2.17
CA CYS A 14 4.93 -0.11 1.00
C CYS A 14 6.44 -0.24 0.78
N GLU A 15 6.82 -1.24 0.01
CA GLU A 15 8.24 -1.48 -0.29
C GLU A 15 8.62 -0.90 -1.64
N ILE A 16 7.72 -1.04 -2.61
CA ILE A 16 7.96 -0.53 -3.95
C ILE A 16 8.03 0.99 -3.97
N CYS A 17 6.87 1.63 -3.82
CA CYS A 17 6.79 3.09 -3.81
C CYS A 17 6.95 3.63 -2.39
N GLY A 18 6.21 3.04 -1.45
CA GLY A 18 6.29 3.48 -0.07
C GLY A 18 4.92 3.69 0.54
N THR A 19 3.94 3.98 -0.30
CA THR A 19 2.57 4.21 0.17
C THR A 19 2.19 3.21 1.25
N ARG A 20 1.77 3.71 2.41
CA ARG A 20 1.38 2.86 3.52
C ARG A 20 -0.08 2.44 3.40
N PHE A 21 -0.50 1.52 4.26
CA PHE A 21 -1.88 1.04 4.24
C PHE A 21 -2.36 0.72 5.65
N ARG A 22 -3.56 1.16 5.97
CA ARG A 22 -4.14 0.93 7.30
C ARG A 22 -3.72 -0.43 7.84
N HIS A 23 -3.85 -1.46 7.00
CA HIS A 23 -3.48 -2.82 7.40
C HIS A 23 -2.45 -3.40 6.45
N LEU A 24 -1.83 -4.50 6.86
CA LEU A 24 -0.82 -5.15 6.04
C LEU A 24 -1.46 -6.00 4.95
N GLN A 25 -2.21 -7.02 5.37
CA GLN A 25 -2.88 -7.91 4.43
C GLN A 25 -3.30 -7.15 3.17
N THR A 26 -3.70 -5.90 3.35
CA THR A 26 -4.13 -5.06 2.23
C THR A 26 -2.94 -4.62 1.38
N LEU A 27 -1.95 -4.03 2.04
CA LEU A 27 -0.76 -3.56 1.34
C LEU A 27 -0.23 -4.62 0.38
N LYS A 28 -0.17 -5.86 0.85
CA LYS A 28 0.30 -6.97 0.03
C LYS A 28 -0.45 -7.02 -1.30
N SER A 29 -1.74 -6.70 -1.26
CA SER A 29 -2.56 -6.71 -2.46
C SER A 29 -2.27 -5.50 -3.34
N HIS A 30 -1.72 -4.45 -2.73
CA HIS A 30 -1.38 -3.24 -3.45
C HIS A 30 -0.13 -3.42 -4.31
N LEU A 31 0.76 -4.29 -3.85
CA LEU A 31 2.00 -4.58 -4.56
C LEU A 31 1.71 -5.25 -5.90
N ARG A 32 0.45 -5.61 -6.11
CA ARG A 32 0.04 -6.26 -7.36
C ARG A 32 0.25 -5.33 -8.55
N ILE A 33 -0.14 -4.08 -8.38
CA ILE A 33 0.00 -3.09 -9.45
C ILE A 33 1.48 -2.82 -9.75
N HIS A 34 2.32 -2.94 -8.73
CA HIS A 34 3.75 -2.71 -8.89
C HIS A 34 4.38 -3.79 -9.77
N THR A 35 4.19 -5.05 -9.38
CA THR A 35 4.75 -6.16 -10.13
C THR A 35 3.70 -6.79 -11.03
N GLY A 36 4.03 -6.89 -12.32
CA GLY A 36 3.11 -7.48 -13.28
C GLY A 36 2.85 -6.56 -14.46
N SER A 37 2.70 -5.27 -14.19
CA SER A 37 2.44 -4.29 -15.24
C SER A 37 3.15 -2.98 -14.94
N GLY A 38 3.14 -2.07 -15.91
CA GLY A 38 3.79 -0.78 -15.73
C GLY A 38 4.80 -0.49 -16.82
N PRO A 39 5.81 0.33 -16.48
CA PRO A 39 6.87 0.72 -17.42
C PRO A 39 7.80 -0.46 -17.75
N SER A 40 7.49 -1.63 -17.20
CA SER A 40 8.29 -2.81 -17.44
C SER A 40 7.93 -3.46 -18.77
N SER A 41 7.76 -2.63 -19.79
CA SER A 41 7.41 -3.12 -21.12
C SER A 41 8.30 -4.29 -21.52
N GLY A 42 7.69 -5.47 -21.65
CA GLY A 42 8.44 -6.66 -22.02
C GLY A 42 7.65 -7.58 -22.93
ZN ZN B . 3.52 0.81 -3.39
N GLY A 1 -1.20 25.91 11.00
CA GLY A 1 -2.27 25.05 11.45
C GLY A 1 -3.10 24.50 10.32
N SER A 2 -2.43 23.94 9.32
CA SER A 2 -3.10 23.37 8.15
C SER A 2 -2.75 21.90 7.99
N SER A 3 -3.61 21.03 8.53
CA SER A 3 -3.39 19.60 8.47
C SER A 3 -4.69 18.84 8.76
N GLY A 4 -5.16 18.08 7.77
CA GLY A 4 -6.38 17.31 7.94
C GLY A 4 -6.12 15.82 8.00
N SER A 5 -6.92 15.12 8.81
CA SER A 5 -6.78 13.68 8.95
C SER A 5 -8.04 13.06 9.53
N SER A 6 -8.51 11.98 8.90
CA SER A 6 -9.72 11.30 9.34
C SER A 6 -9.74 9.86 8.85
N GLY A 7 -9.80 8.92 9.78
CA GLY A 7 -9.83 7.51 9.41
C GLY A 7 -8.97 6.66 10.33
N GLY A 8 -7.77 6.32 9.88
CA GLY A 8 -6.88 5.50 10.68
C GLY A 8 -5.41 5.79 10.39
N GLU A 9 -4.56 4.82 10.69
CA GLU A 9 -3.13 4.97 10.47
C GLU A 9 -2.59 3.84 9.60
N LYS A 10 -1.56 4.13 8.81
CA LYS A 10 -0.96 3.13 7.93
C LYS A 10 0.44 2.75 8.43
N PRO A 11 0.48 1.98 9.53
CA PRO A 11 1.75 1.53 10.13
C PRO A 11 2.46 0.50 9.25
N TYR A 12 1.89 0.22 8.08
CA TYR A 12 2.48 -0.73 7.16
C TYR A 12 2.84 -0.07 5.83
N PRO A 13 4.04 0.52 5.77
CA PRO A 13 4.54 1.20 4.57
C PRO A 13 4.84 0.23 3.44
N CYS A 14 4.73 0.72 2.21
CA CYS A 14 4.98 -0.12 1.04
C CYS A 14 6.49 -0.26 0.80
N GLU A 15 6.87 -1.26 0.01
CA GLU A 15 8.27 -1.50 -0.30
C GLU A 15 8.63 -0.94 -1.67
N ILE A 16 7.70 -1.08 -2.62
CA ILE A 16 7.93 -0.59 -3.97
C ILE A 16 8.01 0.93 -4.00
N CYS A 17 6.86 1.59 -3.83
CA CYS A 17 6.80 3.05 -3.82
C CYS A 17 6.96 3.59 -2.41
N GLY A 18 6.20 3.04 -1.47
CA GLY A 18 6.28 3.48 -0.09
C GLY A 18 4.91 3.70 0.52
N THR A 19 3.91 3.92 -0.33
CA THR A 19 2.54 4.15 0.14
C THR A 19 2.20 3.21 1.27
N ARG A 20 1.75 3.78 2.40
CA ARG A 20 1.39 2.98 3.56
C ARG A 20 -0.10 2.62 3.53
N PHE A 21 -0.45 1.50 4.16
CA PHE A 21 -1.83 1.04 4.19
C PHE A 21 -2.26 0.76 5.63
N ARG A 22 -3.54 1.01 5.91
CA ARG A 22 -4.08 0.78 7.24
C ARG A 22 -3.61 -0.56 7.80
N HIS A 23 -3.87 -1.63 7.06
CA HIS A 23 -3.47 -2.97 7.48
C HIS A 23 -2.43 -3.55 6.52
N LEU A 24 -1.83 -4.66 6.93
CA LEU A 24 -0.81 -5.32 6.10
C LEU A 24 -1.45 -6.14 4.99
N GLN A 25 -2.25 -7.13 5.39
CA GLN A 25 -2.93 -7.99 4.43
C GLN A 25 -3.31 -7.20 3.17
N THR A 26 -3.70 -5.95 3.37
CA THR A 26 -4.09 -5.10 2.25
C THR A 26 -2.88 -4.66 1.44
N LEU A 27 -1.87 -4.16 2.13
CA LEU A 27 -0.64 -3.70 1.47
C LEU A 27 -0.13 -4.74 0.48
N LYS A 28 -0.13 -5.99 0.90
CA LYS A 28 0.33 -7.09 0.05
C LYS A 28 -0.44 -7.10 -1.28
N SER A 29 -1.68 -6.62 -1.24
CA SER A 29 -2.52 -6.58 -2.43
C SER A 29 -2.22 -5.35 -3.27
N HIS A 30 -1.59 -4.36 -2.64
CA HIS A 30 -1.23 -3.13 -3.34
C HIS A 30 0.00 -3.33 -4.22
N LEU A 31 0.78 -4.35 -3.90
CA LEU A 31 2.00 -4.66 -4.66
C LEU A 31 1.65 -5.32 -5.98
N ARG A 32 0.36 -5.56 -6.21
CA ARG A 32 -0.10 -6.18 -7.44
C ARG A 32 0.03 -5.23 -8.62
N ILE A 33 -0.07 -3.92 -8.33
CA ILE A 33 0.03 -2.91 -9.37
C ILE A 33 1.49 -2.57 -9.67
N HIS A 34 2.38 -3.01 -8.78
CA HIS A 34 3.81 -2.75 -8.94
C HIS A 34 4.45 -3.80 -9.84
N THR A 35 4.16 -5.08 -9.56
CA THR A 35 4.72 -6.17 -10.34
C THR A 35 3.65 -6.82 -11.21
N GLY A 36 3.98 -7.06 -12.48
CA GLY A 36 3.04 -7.67 -13.40
C GLY A 36 2.52 -6.69 -14.43
N SER A 37 2.13 -7.21 -15.59
CA SER A 37 1.61 -6.38 -16.67
C SER A 37 0.14 -6.06 -16.46
N GLY A 38 -0.63 -7.09 -16.12
CA GLY A 38 -2.05 -6.89 -15.89
C GLY A 38 -2.89 -7.26 -17.11
N PRO A 39 -4.11 -6.69 -17.17
CA PRO A 39 -5.03 -6.94 -18.28
C PRO A 39 -4.56 -6.31 -19.59
N SER A 40 -4.79 -7.01 -20.69
CA SER A 40 -4.37 -6.53 -22.00
C SER A 40 -5.06 -5.20 -22.33
N SER A 41 -4.34 -4.11 -22.11
CA SER A 41 -4.87 -2.78 -22.37
C SER A 41 -5.75 -2.78 -23.63
N GLY A 42 -6.71 -1.87 -23.67
CA GLY A 42 -7.60 -1.79 -24.82
C GLY A 42 -8.93 -1.14 -24.48
ZN ZN B . 3.55 0.74 -3.49
N GLY A 1 6.75 20.33 18.58
CA GLY A 1 5.59 19.90 17.83
C GLY A 1 4.80 18.82 18.55
N SER A 2 3.71 18.38 17.95
CA SER A 2 2.86 17.36 18.54
C SER A 2 2.90 16.07 17.73
N SER A 3 2.90 14.93 18.41
CA SER A 3 2.94 13.63 17.76
C SER A 3 2.52 12.53 18.71
N GLY A 4 2.21 11.36 18.15
CA GLY A 4 1.79 10.23 18.96
C GLY A 4 0.31 9.96 18.86
N SER A 5 -0.17 9.80 17.62
CA SER A 5 -1.60 9.54 17.39
C SER A 5 -1.79 8.17 16.74
N SER A 6 -1.06 7.18 17.24
CA SER A 6 -1.16 5.82 16.72
C SER A 6 -2.62 5.37 16.65
N GLY A 7 -2.92 4.49 15.70
CA GLY A 7 -4.27 3.98 15.56
C GLY A 7 -4.95 4.51 14.31
N GLY A 8 -5.38 3.60 13.44
CA GLY A 8 -6.04 4.00 12.22
C GLY A 8 -5.06 4.29 11.10
N GLU A 9 -3.96 4.95 11.44
CA GLU A 9 -2.94 5.30 10.46
C GLU A 9 -2.47 4.05 9.69
N LYS A 10 -1.49 4.24 8.82
CA LYS A 10 -0.95 3.15 8.02
C LYS A 10 0.45 2.77 8.50
N PRO A 11 0.52 2.00 9.59
CA PRO A 11 1.78 1.55 10.17
C PRO A 11 2.49 0.53 9.29
N TYR A 12 1.91 0.25 8.13
CA TYR A 12 2.48 -0.71 7.20
C TYR A 12 2.84 -0.04 5.87
N PRO A 13 4.05 0.55 5.82
CA PRO A 13 4.54 1.23 4.61
C PRO A 13 4.85 0.26 3.48
N CYS A 14 4.73 0.76 2.25
CA CYS A 14 4.99 -0.07 1.07
C CYS A 14 6.49 -0.20 0.83
N GLU A 15 6.87 -1.20 0.03
CA GLU A 15 8.27 -1.45 -0.28
C GLU A 15 8.62 -0.90 -1.66
N ILE A 16 7.70 -1.05 -2.60
CA ILE A 16 7.92 -0.57 -3.96
C ILE A 16 8.01 0.95 -4.00
N CYS A 17 6.87 1.61 -3.81
CA CYS A 17 6.82 3.07 -3.83
C CYS A 17 7.00 3.63 -2.42
N GLY A 18 6.24 3.09 -1.47
CA GLY A 18 6.35 3.55 -0.09
C GLY A 18 4.98 3.76 0.54
N THR A 19 3.96 3.94 -0.29
CA THR A 19 2.61 4.16 0.19
C THR A 19 2.28 3.23 1.36
N ARG A 20 1.73 3.80 2.42
CA ARG A 20 1.37 3.01 3.60
C ARG A 20 -0.10 2.62 3.56
N PHE A 21 -0.41 1.44 4.09
CA PHE A 21 -1.78 0.95 4.12
C PHE A 21 -2.22 0.64 5.56
N ARG A 22 -3.43 1.09 5.90
CA ARG A 22 -3.96 0.86 7.23
C ARG A 22 -3.55 -0.50 7.77
N HIS A 23 -3.89 -1.55 7.03
CA HIS A 23 -3.56 -2.91 7.43
C HIS A 23 -2.48 -3.49 6.53
N LEU A 24 -1.97 -4.65 6.90
CA LEU A 24 -0.92 -5.32 6.12
C LEU A 24 -1.53 -6.16 5.01
N GLN A 25 -2.31 -7.17 5.38
CA GLN A 25 -2.95 -8.05 4.42
C GLN A 25 -3.36 -7.28 3.17
N THR A 26 -3.69 -6.01 3.35
CA THR A 26 -4.10 -5.16 2.24
C THR A 26 -2.90 -4.69 1.42
N LEU A 27 -1.87 -4.21 2.12
CA LEU A 27 -0.66 -3.73 1.47
C LEU A 27 -0.13 -4.75 0.47
N LYS A 28 -0.13 -6.01 0.88
CA LYS A 28 0.34 -7.09 0.02
C LYS A 28 -0.41 -7.11 -1.30
N SER A 29 -1.69 -6.74 -1.25
CA SER A 29 -2.53 -6.72 -2.44
C SER A 29 -2.25 -5.47 -3.27
N HIS A 30 -1.63 -4.48 -2.65
CA HIS A 30 -1.30 -3.23 -3.34
C HIS A 30 -0.08 -3.41 -4.24
N LEU A 31 0.76 -4.37 -3.90
CA LEU A 31 1.97 -4.65 -4.67
C LEU A 31 1.62 -5.33 -5.99
N ARG A 32 0.33 -5.57 -6.22
CA ARG A 32 -0.13 -6.22 -7.44
C ARG A 32 0.00 -5.27 -8.63
N ILE A 33 -0.06 -3.97 -8.37
CA ILE A 33 0.04 -2.97 -9.41
C ILE A 33 1.50 -2.62 -9.70
N HIS A 34 2.38 -3.01 -8.78
CA HIS A 34 3.82 -2.74 -8.95
C HIS A 34 4.47 -3.79 -9.84
N THR A 35 4.13 -5.06 -9.61
CA THR A 35 4.69 -6.15 -10.39
C THR A 35 3.67 -6.68 -11.40
N GLY A 36 4.13 -6.87 -12.63
CA GLY A 36 3.24 -7.37 -13.68
C GLY A 36 2.91 -6.32 -14.71
N SER A 37 2.13 -6.70 -15.72
CA SER A 37 1.75 -5.77 -16.78
C SER A 37 2.97 -5.03 -17.32
N GLY A 38 4.07 -5.75 -17.48
CA GLY A 38 5.29 -5.14 -17.99
C GLY A 38 6.37 -5.02 -16.92
N PRO A 39 7.63 -5.20 -17.32
CA PRO A 39 8.77 -5.12 -16.41
C PRO A 39 9.03 -3.69 -15.94
N SER A 40 8.41 -3.33 -14.82
CA SER A 40 8.57 -1.99 -14.26
C SER A 40 9.43 -2.02 -13.00
N SER A 41 10.35 -1.07 -12.90
CA SER A 41 11.25 -0.98 -11.75
C SER A 41 10.71 0.00 -10.72
N GLY A 42 10.00 -0.52 -9.73
CA GLY A 42 9.44 0.32 -8.69
C GLY A 42 7.93 0.43 -8.78
ZN ZN B . 3.57 0.76 -3.49
N GLY A 1 -11.85 20.03 17.86
CA GLY A 1 -10.85 19.12 18.41
C GLY A 1 -9.43 19.62 18.19
N SER A 2 -8.60 19.50 19.21
CA SER A 2 -7.22 19.96 19.13
C SER A 2 -6.36 18.93 18.40
N SER A 3 -5.54 19.40 17.47
CA SER A 3 -4.68 18.53 16.69
C SER A 3 -5.38 17.22 16.35
N GLY A 4 -6.65 17.32 15.96
CA GLY A 4 -7.42 16.14 15.62
C GLY A 4 -6.89 15.44 14.39
N SER A 5 -7.65 15.49 13.31
CA SER A 5 -7.25 14.86 12.05
C SER A 5 -6.86 13.40 12.29
N SER A 6 -7.65 12.71 13.09
CA SER A 6 -7.39 11.31 13.39
C SER A 6 -8.52 10.41 12.88
N GLY A 7 -8.18 9.17 12.58
CA GLY A 7 -9.17 8.23 12.08
C GLY A 7 -8.59 7.22 11.11
N GLY A 8 -7.54 6.53 11.52
CA GLY A 8 -6.91 5.55 10.67
C GLY A 8 -5.43 5.80 10.49
N GLU A 9 -4.62 4.79 10.79
CA GLU A 9 -3.17 4.90 10.66
C GLU A 9 -2.61 3.84 9.71
N LYS A 10 -1.59 4.22 8.96
CA LYS A 10 -0.96 3.31 8.02
C LYS A 10 0.43 2.89 8.48
N PRO A 11 0.48 2.12 9.58
CA PRO A 11 1.74 1.64 10.15
C PRO A 11 2.42 0.60 9.28
N TYR A 12 1.84 0.34 8.12
CA TYR A 12 2.38 -0.64 7.18
C TYR A 12 2.78 0.02 5.86
N PRO A 13 4.00 0.58 5.83
CA PRO A 13 4.53 1.25 4.64
C PRO A 13 4.82 0.27 3.50
N CYS A 14 4.76 0.77 2.28
CA CYS A 14 5.03 -0.05 1.10
C CYS A 14 6.53 -0.21 0.87
N GLU A 15 6.90 -1.21 0.08
CA GLU A 15 8.30 -1.47 -0.22
C GLU A 15 8.66 -0.96 -1.61
N ILE A 16 7.73 -1.08 -2.54
CA ILE A 16 7.95 -0.63 -3.91
C ILE A 16 8.03 0.89 -3.98
N CYS A 17 6.89 1.55 -3.82
CA CYS A 17 6.83 3.01 -3.86
C CYS A 17 7.02 3.60 -2.46
N GLY A 18 6.27 3.07 -1.50
CA GLY A 18 6.36 3.55 -0.14
C GLY A 18 5.00 3.77 0.49
N THR A 19 3.98 3.92 -0.33
CA THR A 19 2.63 4.14 0.15
C THR A 19 2.33 3.29 1.38
N ARG A 20 1.72 3.90 2.38
CA ARG A 20 1.38 3.20 3.62
C ARG A 20 -0.09 2.80 3.63
N PHE A 21 -0.37 1.62 4.18
CA PHE A 21 -1.74 1.12 4.26
C PHE A 21 -2.15 0.88 5.71
N ARG A 22 -3.46 0.87 5.96
CA ARG A 22 -3.98 0.67 7.30
C ARG A 22 -3.61 -0.72 7.81
N HIS A 23 -3.82 -1.73 6.98
CA HIS A 23 -3.50 -3.11 7.35
C HIS A 23 -2.52 -3.72 6.37
N LEU A 24 -1.79 -4.74 6.82
CA LEU A 24 -0.81 -5.42 5.99
C LEU A 24 -1.50 -6.25 4.91
N GLN A 25 -2.42 -7.11 5.33
CA GLN A 25 -3.15 -7.97 4.41
C GLN A 25 -3.56 -7.19 3.16
N THR A 26 -3.77 -5.89 3.32
CA THR A 26 -4.16 -5.04 2.21
C THR A 26 -2.95 -4.59 1.40
N LEU A 27 -1.90 -4.17 2.10
CA LEU A 27 -0.68 -3.71 1.44
C LEU A 27 -0.13 -4.78 0.51
N LYS A 28 -0.16 -6.03 0.97
CA LYS A 28 0.34 -7.16 0.18
C LYS A 28 -0.38 -7.22 -1.16
N SER A 29 -1.62 -6.77 -1.19
CA SER A 29 -2.43 -6.78 -2.41
C SER A 29 -2.16 -5.54 -3.25
N HIS A 30 -1.52 -4.55 -2.64
CA HIS A 30 -1.19 -3.30 -3.34
C HIS A 30 0.03 -3.48 -4.23
N LEU A 31 0.86 -4.46 -3.90
CA LEU A 31 2.07 -4.75 -4.67
C LEU A 31 1.73 -5.38 -6.00
N ARG A 32 0.45 -5.64 -6.22
CA ARG A 32 -0.02 -6.26 -7.46
C ARG A 32 0.06 -5.27 -8.62
N ILE A 33 -0.07 -3.99 -8.30
CA ILE A 33 0.00 -2.94 -9.32
C ILE A 33 1.44 -2.55 -9.63
N HIS A 34 2.36 -3.03 -8.79
CA HIS A 34 3.78 -2.73 -8.97
C HIS A 34 4.43 -3.75 -9.92
N THR A 35 3.96 -4.99 -9.85
CA THR A 35 4.49 -6.04 -10.70
C THR A 35 3.41 -6.63 -11.60
N GLY A 36 3.00 -5.86 -12.60
CA GLY A 36 1.97 -6.32 -13.51
C GLY A 36 2.24 -5.89 -14.95
N SER A 37 2.04 -4.61 -15.21
CA SER A 37 2.26 -4.07 -16.55
C SER A 37 2.27 -2.54 -16.54
N GLY A 38 3.41 -1.96 -16.91
CA GLY A 38 3.53 -0.51 -16.93
C GLY A 38 4.96 -0.06 -17.14
N PRO A 39 5.14 1.00 -17.95
CA PRO A 39 6.46 1.55 -18.25
C PRO A 39 7.08 2.25 -17.04
N SER A 40 8.06 1.59 -16.43
CA SER A 40 8.74 2.16 -15.26
C SER A 40 9.28 3.54 -15.56
N SER A 41 10.00 3.67 -16.68
CA SER A 41 10.58 4.94 -17.08
C SER A 41 9.94 5.45 -18.37
N GLY A 42 9.84 6.77 -18.49
CA GLY A 42 9.24 7.36 -19.68
C GLY A 42 8.12 8.32 -19.35
ZN ZN B . 3.60 0.70 -3.45
N GLY A 1 -25.86 9.44 10.14
CA GLY A 1 -25.07 8.22 10.07
C GLY A 1 -23.74 8.34 10.77
N SER A 2 -23.25 7.24 11.30
CA SER A 2 -21.98 7.22 12.02
C SER A 2 -20.80 7.28 11.04
N SER A 3 -20.37 8.50 10.72
CA SER A 3 -19.27 8.70 9.79
C SER A 3 -18.15 7.70 10.07
N GLY A 4 -17.83 7.51 11.35
CA GLY A 4 -16.78 6.58 11.72
C GLY A 4 -16.38 6.71 13.18
N SER A 5 -15.98 7.93 13.57
CA SER A 5 -15.57 8.18 14.95
C SER A 5 -14.49 7.19 15.38
N SER A 6 -13.55 6.92 14.49
CA SER A 6 -12.47 5.99 14.78
C SER A 6 -11.15 6.48 14.17
N GLY A 7 -10.04 5.96 14.70
CA GLY A 7 -8.74 6.36 14.20
C GLY A 7 -8.08 5.30 13.35
N GLY A 8 -7.54 5.70 12.21
CA GLY A 8 -6.89 4.75 11.32
C GLY A 8 -5.54 5.24 10.85
N GLU A 9 -4.53 4.36 10.96
CA GLU A 9 -3.18 4.71 10.55
C GLU A 9 -2.58 3.62 9.66
N LYS A 10 -1.60 3.99 8.85
CA LYS A 10 -0.96 3.04 7.95
C LYS A 10 0.45 2.70 8.45
N PRO A 11 0.51 1.92 9.53
CA PRO A 11 1.79 1.49 10.14
C PRO A 11 2.53 0.50 9.25
N TYR A 12 1.98 0.22 8.08
CA TYR A 12 2.60 -0.73 7.15
C TYR A 12 2.96 -0.03 5.84
N PRO A 13 4.15 0.60 5.82
CA PRO A 13 4.65 1.31 4.64
C PRO A 13 5.01 0.37 3.50
N CYS A 14 4.62 0.72 2.28
CA CYS A 14 4.91 -0.10 1.11
C CYS A 14 6.42 -0.24 0.90
N GLU A 15 6.81 -1.23 0.12
CA GLU A 15 8.22 -1.48 -0.16
C GLU A 15 8.61 -0.94 -1.52
N ILE A 16 7.71 -1.08 -2.50
CA ILE A 16 7.95 -0.60 -3.85
C ILE A 16 8.04 0.92 -3.89
N CYS A 17 6.89 1.58 -3.73
CA CYS A 17 6.84 3.03 -3.75
C CYS A 17 6.98 3.60 -2.34
N GLY A 18 6.20 3.05 -1.41
CA GLY A 18 6.26 3.51 -0.03
C GLY A 18 4.88 3.75 0.55
N THR A 19 3.89 3.94 -0.32
CA THR A 19 2.52 4.19 0.12
C THR A 19 2.12 3.24 1.24
N ARG A 20 1.85 3.81 2.41
CA ARG A 20 1.46 3.00 3.57
C ARG A 20 -0.01 2.60 3.48
N PHE A 21 -0.33 1.45 4.06
CA PHE A 21 -1.70 0.95 4.04
C PHE A 21 -2.20 0.66 5.45
N ARG A 22 -3.40 1.12 5.76
CA ARG A 22 -3.99 0.92 7.09
C ARG A 22 -3.62 -0.45 7.63
N HIS A 23 -3.94 -1.49 6.88
CA HIS A 23 -3.65 -2.86 7.28
C HIS A 23 -2.60 -3.49 6.37
N LEU A 24 -1.95 -4.54 6.85
CA LEU A 24 -0.93 -5.24 6.07
C LEU A 24 -1.57 -6.10 4.98
N GLN A 25 -2.43 -7.03 5.41
CA GLN A 25 -3.11 -7.92 4.47
C GLN A 25 -3.49 -7.17 3.19
N THR A 26 -3.70 -5.86 3.32
CA THR A 26 -4.08 -5.04 2.19
C THR A 26 -2.86 -4.62 1.38
N LEU A 27 -1.82 -4.19 2.08
CA LEU A 27 -0.58 -3.77 1.42
C LEU A 27 -0.07 -4.84 0.48
N LYS A 28 0.01 -6.07 0.97
CA LYS A 28 0.49 -7.18 0.15
C LYS A 28 -0.27 -7.25 -1.17
N SER A 29 -1.52 -6.82 -1.15
CA SER A 29 -2.35 -6.83 -2.36
C SER A 29 -2.09 -5.60 -3.21
N HIS A 30 -1.51 -4.57 -2.59
CA HIS A 30 -1.22 -3.33 -3.29
C HIS A 30 0.01 -3.50 -4.20
N LEU A 31 0.86 -4.46 -3.86
CA LEU A 31 2.06 -4.73 -4.64
C LEU A 31 1.72 -5.37 -5.97
N ARG A 32 0.43 -5.63 -6.19
CA ARG A 32 -0.03 -6.24 -7.43
C ARG A 32 0.03 -5.24 -8.58
N ILE A 33 -0.19 -3.97 -8.27
CA ILE A 33 -0.16 -2.92 -9.28
C ILE A 33 1.27 -2.50 -9.60
N HIS A 34 2.21 -2.96 -8.79
CA HIS A 34 3.62 -2.64 -8.99
C HIS A 34 4.26 -3.62 -9.97
N THR A 35 4.04 -4.90 -9.75
CA THR A 35 4.59 -5.94 -10.62
C THR A 35 3.49 -6.68 -11.37
N GLY A 36 3.53 -6.60 -12.70
CA GLY A 36 2.53 -7.26 -13.51
C GLY A 36 1.58 -6.28 -14.19
N SER A 37 1.99 -5.79 -15.35
CA SER A 37 1.17 -4.84 -16.10
C SER A 37 0.94 -5.32 -17.52
N GLY A 38 1.98 -5.90 -18.12
CA GLY A 38 1.87 -6.41 -19.48
C GLY A 38 2.36 -7.83 -19.62
N PRO A 39 2.68 -8.23 -20.85
CA PRO A 39 3.17 -9.59 -21.15
C PRO A 39 4.57 -9.82 -20.60
N SER A 40 5.18 -8.77 -20.06
CA SER A 40 6.52 -8.87 -19.51
C SER A 40 6.62 -8.11 -18.19
N SER A 41 6.86 -8.85 -17.10
CA SER A 41 6.97 -8.25 -15.78
C SER A 41 7.99 -7.12 -15.78
N GLY A 42 7.85 -6.20 -14.83
CA GLY A 42 8.77 -5.08 -14.73
C GLY A 42 8.44 -3.98 -15.73
ZN ZN B . 3.59 0.73 -3.48
N GLY A 1 -21.61 8.35 0.85
CA GLY A 1 -21.82 9.79 0.82
C GLY A 1 -20.75 10.51 0.02
N SER A 2 -19.98 11.36 0.69
CA SER A 2 -18.92 12.11 0.03
C SER A 2 -17.58 11.88 0.72
N SER A 3 -16.50 11.90 -0.07
CA SER A 3 -15.17 11.70 0.47
C SER A 3 -14.84 12.73 1.54
N GLY A 4 -14.23 12.28 2.63
CA GLY A 4 -13.89 13.18 3.71
C GLY A 4 -12.59 12.79 4.40
N SER A 5 -12.60 12.80 5.72
CA SER A 5 -11.42 12.45 6.51
C SER A 5 -11.75 11.38 7.54
N SER A 6 -11.53 10.12 7.19
CA SER A 6 -11.80 9.01 8.09
C SER A 6 -10.96 7.80 7.73
N GLY A 7 -10.54 7.05 8.75
CA GLY A 7 -9.72 5.87 8.52
C GLY A 7 -8.69 5.66 9.62
N GLY A 8 -7.92 4.58 9.51
CA GLY A 8 -6.91 4.28 10.50
C GLY A 8 -5.51 4.58 10.00
N GLU A 9 -4.55 4.62 10.93
CA GLU A 9 -3.16 4.90 10.56
C GLU A 9 -2.60 3.79 9.68
N LYS A 10 -1.62 4.14 8.87
CA LYS A 10 -0.99 3.17 7.97
C LYS A 10 0.41 2.81 8.45
N PRO A 11 0.48 2.06 9.56
CA PRO A 11 1.76 1.63 10.15
C PRO A 11 2.47 0.60 9.28
N TYR A 12 1.90 0.32 8.12
CA TYR A 12 2.49 -0.66 7.19
C TYR A 12 2.85 0.00 5.86
N PRO A 13 4.04 0.61 5.80
CA PRO A 13 4.52 1.28 4.59
C PRO A 13 4.85 0.30 3.47
N CYS A 14 4.63 0.72 2.23
CA CYS A 14 4.90 -0.12 1.07
C CYS A 14 6.41 -0.31 0.88
N GLU A 15 6.78 -1.32 0.11
CA GLU A 15 8.18 -1.61 -0.15
C GLU A 15 8.59 -1.08 -1.53
N ILE A 16 7.69 -1.21 -2.50
CA ILE A 16 7.96 -0.74 -3.85
C ILE A 16 8.05 0.77 -3.91
N CYS A 17 6.91 1.44 -3.79
CA CYS A 17 6.86 2.89 -3.83
C CYS A 17 7.05 3.48 -2.42
N GLY A 18 6.30 2.95 -1.46
CA GLY A 18 6.40 3.44 -0.10
C GLY A 18 5.04 3.67 0.53
N THR A 19 4.01 3.83 -0.31
CA THR A 19 2.66 4.08 0.17
C THR A 19 2.34 3.18 1.37
N ARG A 20 1.70 3.77 2.37
CA ARG A 20 1.33 3.03 3.57
C ARG A 20 -0.15 2.64 3.54
N PHE A 21 -0.48 1.52 4.16
CA PHE A 21 -1.85 1.03 4.21
C PHE A 21 -2.30 0.78 5.64
N ARG A 22 -3.56 1.07 5.93
CA ARG A 22 -4.10 0.88 7.26
C ARG A 22 -3.74 -0.50 7.80
N HIS A 23 -3.83 -1.51 6.95
CA HIS A 23 -3.50 -2.88 7.35
C HIS A 23 -2.42 -3.47 6.44
N LEU A 24 -1.83 -4.57 6.88
CA LEU A 24 -0.78 -5.23 6.11
C LEU A 24 -1.37 -6.06 4.99
N GLN A 25 -2.12 -7.09 5.35
CA GLN A 25 -2.74 -7.97 4.36
C GLN A 25 -3.16 -7.18 3.13
N THR A 26 -3.71 -5.98 3.35
CA THR A 26 -4.15 -5.14 2.25
C THR A 26 -2.97 -4.65 1.41
N LEU A 27 -1.92 -4.21 2.10
CA LEU A 27 -0.73 -3.71 1.43
C LEU A 27 -0.16 -4.75 0.47
N LYS A 28 -0.02 -5.98 0.97
CA LYS A 28 0.50 -7.07 0.16
C LYS A 28 -0.25 -7.18 -1.17
N SER A 29 -1.51 -6.79 -1.16
CA SER A 29 -2.34 -6.84 -2.36
C SER A 29 -2.11 -5.61 -3.24
N HIS A 30 -1.59 -4.55 -2.63
CA HIS A 30 -1.31 -3.32 -3.35
C HIS A 30 -0.08 -3.46 -4.24
N LEU A 31 0.74 -4.46 -3.93
CA LEU A 31 1.96 -4.72 -4.69
C LEU A 31 1.63 -5.31 -6.06
N ARG A 32 0.35 -5.58 -6.28
CA ARG A 32 -0.10 -6.15 -7.55
C ARG A 32 0.03 -5.13 -8.68
N ILE A 33 -0.33 -3.89 -8.39
CA ILE A 33 -0.24 -2.83 -9.39
C ILE A 33 1.21 -2.47 -9.69
N HIS A 34 2.12 -2.97 -8.87
CA HIS A 34 3.54 -2.70 -9.05
C HIS A 34 4.16 -3.71 -10.02
N THR A 35 4.33 -4.95 -9.56
CA THR A 35 4.91 -5.99 -10.38
C THR A 35 4.03 -6.32 -11.58
N GLY A 36 2.71 -6.31 -11.35
CA GLY A 36 1.78 -6.61 -12.42
C GLY A 36 2.04 -7.95 -13.08
N SER A 37 1.69 -9.02 -12.38
CA SER A 37 1.89 -10.37 -12.90
C SER A 37 0.57 -11.08 -13.12
N GLY A 38 -0.23 -11.18 -12.07
CA GLY A 38 -1.52 -11.84 -12.16
C GLY A 38 -2.67 -10.87 -12.09
N PRO A 39 -3.27 -10.76 -10.89
CA PRO A 39 -4.41 -9.86 -10.66
C PRO A 39 -4.00 -8.39 -10.69
N SER A 40 -4.87 -7.55 -11.24
CA SER A 40 -4.60 -6.12 -11.34
C SER A 40 -3.31 -5.87 -12.12
N SER A 41 -3.18 -6.54 -13.26
CA SER A 41 -1.99 -6.38 -14.10
C SER A 41 -2.03 -5.07 -14.86
N GLY A 42 -0.90 -4.71 -15.46
CA GLY A 42 -0.82 -3.46 -16.21
C GLY A 42 -1.07 -3.66 -17.70
ZN ZN B . 3.56 0.61 -3.51
N GLY A 1 -2.76 -0.26 29.49
CA GLY A 1 -1.36 -0.20 29.09
C GLY A 1 -1.00 1.12 28.43
N SER A 2 0.24 1.54 28.61
CA SER A 2 0.71 2.80 28.03
C SER A 2 1.75 2.54 26.94
N SER A 3 2.77 1.76 27.27
CA SER A 3 3.82 1.43 26.31
C SER A 3 3.23 1.05 24.97
N GLY A 4 2.22 0.19 24.98
CA GLY A 4 1.59 -0.24 23.75
C GLY A 4 1.18 0.93 22.87
N SER A 5 0.90 0.64 21.61
CA SER A 5 0.50 1.67 20.66
C SER A 5 -1.01 1.65 20.44
N SER A 6 -1.73 2.50 21.18
CA SER A 6 -3.18 2.57 21.08
C SER A 6 -3.59 3.04 19.67
N GLY A 7 -3.12 4.22 19.29
CA GLY A 7 -3.45 4.76 17.98
C GLY A 7 -2.71 4.06 16.86
N GLY A 8 -2.83 4.59 15.65
CA GLY A 8 -2.16 4.00 14.50
C GLY A 8 -2.77 4.42 13.19
N GLU A 9 -1.96 4.44 12.14
CA GLU A 9 -2.43 4.84 10.82
C GLU A 9 -1.45 4.39 9.73
N LYS A 10 -1.87 3.42 8.94
CA LYS A 10 -1.03 2.90 7.86
C LYS A 10 0.37 2.58 8.36
N PRO A 11 0.43 1.79 9.46
CA PRO A 11 1.71 1.39 10.06
C PRO A 11 2.48 0.41 9.17
N TYR A 12 1.95 0.13 7.99
CA TYR A 12 2.59 -0.78 7.05
C TYR A 12 2.98 -0.07 5.77
N PRO A 13 4.17 0.56 5.78
CA PRO A 13 4.67 1.30 4.61
C PRO A 13 5.06 0.36 3.47
N CYS A 14 4.70 0.75 2.25
CA CYS A 14 5.01 -0.04 1.06
C CYS A 14 6.52 -0.12 0.84
N GLU A 15 6.93 -1.10 0.04
CA GLU A 15 8.35 -1.28 -0.26
C GLU A 15 8.69 -0.75 -1.65
N ILE A 16 7.77 -0.97 -2.60
CA ILE A 16 7.97 -0.51 -3.96
C ILE A 16 8.04 1.01 -4.03
N CYS A 17 6.90 1.66 -3.83
CA CYS A 17 6.83 3.12 -3.87
C CYS A 17 6.99 3.70 -2.47
N GLY A 18 6.24 3.15 -1.52
CA GLY A 18 6.31 3.63 -0.15
C GLY A 18 4.95 3.81 0.48
N THR A 19 3.94 4.06 -0.35
CA THR A 19 2.58 4.25 0.12
C THR A 19 2.24 3.25 1.22
N ARG A 20 1.84 3.76 2.38
CA ARG A 20 1.48 2.90 3.51
C ARG A 20 0.03 2.45 3.40
N PHE A 21 -0.35 1.52 4.27
CA PHE A 21 -1.72 0.99 4.27
C PHE A 21 -2.16 0.65 5.69
N ARG A 22 -3.39 1.03 6.02
CA ARG A 22 -3.93 0.77 7.34
C ARG A 22 -3.53 -0.62 7.84
N HIS A 23 -3.84 -1.64 7.04
CA HIS A 23 -3.51 -3.02 7.40
C HIS A 23 -2.56 -3.62 6.37
N LEU A 24 -1.80 -4.63 6.80
CA LEU A 24 -0.86 -5.30 5.91
C LEU A 24 -1.58 -6.11 4.84
N GLN A 25 -2.49 -6.98 5.28
CA GLN A 25 -3.25 -7.80 4.36
C GLN A 25 -3.67 -7.02 3.12
N THR A 26 -3.78 -5.70 3.28
CA THR A 26 -4.18 -4.83 2.18
C THR A 26 -2.96 -4.40 1.36
N LEU A 27 -1.88 -4.08 2.05
CA LEU A 27 -0.65 -3.65 1.39
C LEU A 27 -0.15 -4.72 0.44
N LYS A 28 -0.10 -5.96 0.92
CA LYS A 28 0.36 -7.08 0.11
C LYS A 28 -0.40 -7.15 -1.21
N SER A 29 -1.67 -6.74 -1.19
CA SER A 29 -2.50 -6.76 -2.39
C SER A 29 -2.23 -5.53 -3.25
N HIS A 30 -1.64 -4.51 -2.64
CA HIS A 30 -1.33 -3.27 -3.35
C HIS A 30 -0.11 -3.46 -4.25
N LEU A 31 0.83 -4.28 -3.81
CA LEU A 31 2.04 -4.56 -4.57
C LEU A 31 1.72 -5.22 -5.90
N ARG A 32 0.44 -5.58 -6.08
CA ARG A 32 0.00 -6.23 -7.31
C ARG A 32 0.19 -5.30 -8.51
N ILE A 33 -0.15 -4.03 -8.32
CA ILE A 33 -0.01 -3.04 -9.39
C ILE A 33 1.44 -2.73 -9.67
N HIS A 34 2.31 -3.02 -8.70
CA HIS A 34 3.74 -2.77 -8.83
C HIS A 34 4.40 -3.83 -9.71
N THR A 35 4.02 -5.08 -9.48
CA THR A 35 4.57 -6.20 -10.25
C THR A 35 3.47 -7.06 -10.84
N GLY A 36 3.43 -7.12 -12.17
CA GLY A 36 2.41 -7.91 -12.84
C GLY A 36 2.46 -7.75 -14.36
N SER A 37 3.25 -8.61 -15.01
CA SER A 37 3.38 -8.55 -16.46
C SER A 37 2.52 -9.62 -17.13
N GLY A 38 1.65 -9.19 -18.04
CA GLY A 38 0.79 -10.12 -18.74
C GLY A 38 -0.65 -10.02 -18.29
N PRO A 39 -1.60 -10.32 -19.21
CA PRO A 39 -3.03 -10.26 -18.92
C PRO A 39 -3.47 -11.37 -17.97
N SER A 40 -3.56 -11.05 -16.68
CA SER A 40 -3.97 -12.02 -15.68
C SER A 40 -5.45 -11.88 -15.36
N SER A 41 -5.84 -10.69 -14.93
CA SER A 41 -7.24 -10.43 -14.58
C SER A 41 -7.64 -9.01 -14.98
N GLY A 42 -8.44 -8.90 -16.03
CA GLY A 42 -8.88 -7.61 -16.50
C GLY A 42 -9.11 -7.58 -18.00
ZN ZN B . 3.58 0.87 -3.41
N GLY A 1 -2.52 19.73 0.74
CA GLY A 1 -3.48 19.56 1.81
C GLY A 1 -3.53 18.13 2.31
N SER A 2 -4.67 17.75 2.89
CA SER A 2 -4.84 16.40 3.41
C SER A 2 -6.28 15.92 3.24
N SER A 3 -6.48 14.94 2.38
CA SER A 3 -7.81 14.40 2.11
C SER A 3 -7.84 12.89 2.35
N GLY A 4 -8.63 12.47 3.33
CA GLY A 4 -8.73 11.05 3.63
C GLY A 4 -9.40 10.79 4.97
N SER A 5 -10.69 11.14 5.06
CA SER A 5 -11.44 10.95 6.30
C SER A 5 -11.29 9.52 6.81
N SER A 6 -11.74 8.56 6.00
CA SER A 6 -11.65 7.16 6.38
C SER A 6 -10.21 6.75 6.66
N GLY A 7 -9.31 7.11 5.76
CA GLY A 7 -7.91 6.78 5.94
C GLY A 7 -7.39 7.16 7.30
N GLY A 8 -7.08 6.15 8.11
CA GLY A 8 -6.56 6.41 9.45
C GLY A 8 -5.06 6.32 9.53
N GLU A 9 -4.55 5.33 10.24
CA GLU A 9 -3.11 5.15 10.39
C GLU A 9 -2.62 3.96 9.56
N LYS A 10 -1.53 4.16 8.84
CA LYS A 10 -0.95 3.10 8.02
C LYS A 10 0.45 2.72 8.50
N PRO A 11 0.50 1.94 9.58
CA PRO A 11 1.76 1.48 10.17
C PRO A 11 2.49 0.48 9.27
N TYR A 12 1.93 0.22 8.10
CA TYR A 12 2.52 -0.72 7.16
C TYR A 12 2.88 -0.03 5.85
N PRO A 13 4.09 0.57 5.82
CA PRO A 13 4.58 1.28 4.64
C PRO A 13 4.91 0.34 3.49
N CYS A 14 4.65 0.78 2.26
CA CYS A 14 4.92 -0.02 1.08
C CYS A 14 6.42 -0.17 0.85
N GLU A 15 6.80 -1.16 0.05
CA GLU A 15 8.20 -1.40 -0.25
C GLU A 15 8.57 -0.89 -1.64
N ILE A 16 7.64 -1.04 -2.58
CA ILE A 16 7.86 -0.59 -3.95
C ILE A 16 7.95 0.93 -4.01
N CYS A 17 6.82 1.60 -3.82
CA CYS A 17 6.77 3.05 -3.87
C CYS A 17 6.99 3.64 -2.47
N GLY A 18 6.27 3.10 -1.49
CA GLY A 18 6.40 3.58 -0.13
C GLY A 18 5.06 3.82 0.53
N THR A 19 4.02 3.98 -0.28
CA THR A 19 2.67 4.22 0.23
C THR A 19 2.36 3.29 1.40
N ARG A 20 1.76 3.84 2.45
CA ARG A 20 1.41 3.06 3.63
C ARG A 20 -0.06 2.67 3.59
N PHE A 21 -0.37 1.49 4.12
CA PHE A 21 -1.74 1.00 4.15
C PHE A 21 -2.18 0.70 5.58
N ARG A 22 -3.43 1.02 5.89
CA ARG A 22 -3.98 0.78 7.22
C ARG A 22 -3.55 -0.58 7.75
N HIS A 23 -3.81 -1.62 6.97
CA HIS A 23 -3.46 -2.98 7.36
C HIS A 23 -2.48 -3.60 6.36
N LEU A 24 -1.78 -4.65 6.78
CA LEU A 24 -0.82 -5.32 5.92
C LEU A 24 -1.52 -6.16 4.86
N GLN A 25 -2.38 -7.07 5.30
CA GLN A 25 -3.11 -7.93 4.37
C GLN A 25 -3.52 -7.16 3.12
N THR A 26 -3.82 -5.88 3.29
CA THR A 26 -4.22 -5.04 2.17
C THR A 26 -3.01 -4.57 1.37
N LEU A 27 -1.95 -4.19 2.06
CA LEU A 27 -0.73 -3.74 1.40
C LEU A 27 -0.20 -4.79 0.44
N LYS A 28 -0.06 -6.02 0.94
CA LYS A 28 0.43 -7.13 0.13
C LYS A 28 -0.30 -7.18 -1.22
N SER A 29 -1.57 -6.79 -1.21
CA SER A 29 -2.38 -6.80 -2.43
C SER A 29 -2.09 -5.57 -3.28
N HIS A 30 -1.61 -4.51 -2.64
CA HIS A 30 -1.28 -3.27 -3.34
C HIS A 30 -0.05 -3.46 -4.22
N LEU A 31 0.78 -4.44 -3.87
CA LEU A 31 2.01 -4.71 -4.62
C LEU A 31 1.67 -5.34 -5.97
N ARG A 32 0.38 -5.59 -6.21
CA ARG A 32 -0.06 -6.20 -7.46
C ARG A 32 0.10 -5.22 -8.62
N ILE A 33 -0.16 -3.95 -8.35
CA ILE A 33 -0.05 -2.91 -9.38
C ILE A 33 1.41 -2.56 -9.64
N HIS A 34 2.29 -3.02 -8.75
CA HIS A 34 3.72 -2.75 -8.90
C HIS A 34 4.38 -3.79 -9.80
N THR A 35 4.10 -5.07 -9.52
CA THR A 35 4.67 -6.16 -10.29
C THR A 35 3.60 -6.85 -11.14
N GLY A 36 2.62 -6.08 -11.59
CA GLY A 36 1.55 -6.63 -12.40
C GLY A 36 1.54 -6.07 -13.82
N SER A 37 2.47 -6.55 -14.65
CA SER A 37 2.57 -6.09 -16.02
C SER A 37 1.25 -6.30 -16.76
N GLY A 38 0.98 -5.43 -17.73
CA GLY A 38 -0.26 -5.54 -18.50
C GLY A 38 -0.16 -6.57 -19.61
N PRO A 39 -1.30 -7.12 -20.02
CA PRO A 39 -1.37 -8.13 -21.07
C PRO A 39 -1.04 -7.56 -22.45
N SER A 40 -0.86 -6.24 -22.50
CA SER A 40 -0.55 -5.57 -23.76
C SER A 40 0.43 -6.39 -24.58
N SER A 41 -0.10 -7.15 -25.53
CA SER A 41 0.73 -7.99 -26.40
C SER A 41 0.24 -7.93 -27.84
N GLY A 42 1.16 -8.16 -28.78
CA GLY A 42 0.80 -8.12 -30.19
C GLY A 42 1.33 -6.90 -30.89
ZN ZN B . 3.48 0.76 -3.51
N GLY A 1 -26.45 12.47 5.90
CA GLY A 1 -25.37 11.59 6.28
C GLY A 1 -24.32 11.46 5.21
N SER A 2 -23.13 11.02 5.59
CA SER A 2 -22.02 10.86 4.66
C SER A 2 -21.09 9.73 5.09
N SER A 3 -20.66 8.92 4.13
CA SER A 3 -19.78 7.80 4.42
C SER A 3 -18.36 8.29 4.73
N GLY A 4 -18.00 8.22 6.01
CA GLY A 4 -16.68 8.67 6.42
C GLY A 4 -15.96 7.64 7.27
N SER A 5 -14.92 7.03 6.69
CA SER A 5 -14.15 6.01 7.41
C SER A 5 -13.39 6.63 8.59
N SER A 6 -13.13 5.80 9.59
CA SER A 6 -12.43 6.25 10.79
C SER A 6 -11.00 6.70 10.44
N GLY A 7 -10.56 7.79 11.07
CA GLY A 7 -9.23 8.30 10.81
C GLY A 7 -8.17 7.59 11.61
N GLY A 8 -7.60 6.53 11.03
CA GLY A 8 -6.58 5.77 11.72
C GLY A 8 -5.18 6.11 11.22
N GLU A 9 -4.39 5.09 10.93
CA GLU A 9 -3.02 5.29 10.47
C GLU A 9 -2.57 4.12 9.60
N LYS A 10 -1.44 4.30 8.91
CA LYS A 10 -0.90 3.26 8.04
C LYS A 10 0.50 2.85 8.49
N PRO A 11 0.58 2.09 9.59
CA PRO A 11 1.85 1.62 10.13
C PRO A 11 2.53 0.58 9.25
N TYR A 12 1.93 0.33 8.09
CA TYR A 12 2.47 -0.64 7.15
C TYR A 12 2.84 0.03 5.82
N PRO A 13 4.03 0.63 5.77
CA PRO A 13 4.52 1.31 4.58
C PRO A 13 4.86 0.34 3.45
N CYS A 14 4.63 0.77 2.22
CA CYS A 14 4.91 -0.06 1.05
C CYS A 14 6.42 -0.20 0.83
N GLU A 15 6.81 -1.21 0.07
CA GLU A 15 8.21 -1.45 -0.23
C GLU A 15 8.59 -0.90 -1.61
N ILE A 16 7.69 -1.08 -2.56
CA ILE A 16 7.92 -0.60 -3.92
C ILE A 16 8.03 0.92 -3.96
N CYS A 17 6.89 1.59 -3.79
CA CYS A 17 6.86 3.05 -3.81
C CYS A 17 7.01 3.61 -2.40
N GLY A 18 6.24 3.07 -1.46
CA GLY A 18 6.31 3.54 -0.09
C GLY A 18 4.94 3.73 0.52
N THR A 19 3.92 3.83 -0.33
CA THR A 19 2.55 4.03 0.14
C THR A 19 2.24 3.13 1.32
N ARG A 20 1.68 3.71 2.38
CA ARG A 20 1.33 2.95 3.57
C ARG A 20 -0.14 2.55 3.55
N PHE A 21 -0.48 1.48 4.27
CA PHE A 21 -1.85 1.00 4.33
C PHE A 21 -2.25 0.66 5.76
N ARG A 22 -3.49 0.97 6.11
CA ARG A 22 -4.00 0.72 7.46
C ARG A 22 -3.54 -0.65 7.95
N HIS A 23 -3.74 -1.68 7.13
CA HIS A 23 -3.34 -3.04 7.49
C HIS A 23 -2.32 -3.58 6.50
N LEU A 24 -1.77 -4.75 6.82
CA LEU A 24 -0.78 -5.38 5.95
C LEU A 24 -1.44 -6.23 4.88
N GLN A 25 -2.30 -7.15 5.30
CA GLN A 25 -2.99 -8.03 4.37
C GLN A 25 -3.49 -7.25 3.15
N THR A 26 -3.75 -5.96 3.35
CA THR A 26 -4.22 -5.11 2.26
C THR A 26 -3.06 -4.60 1.41
N LEU A 27 -2.00 -4.15 2.08
CA LEU A 27 -0.83 -3.64 1.39
C LEU A 27 -0.27 -4.68 0.41
N LYS A 28 -0.19 -5.93 0.88
CA LYS A 28 0.31 -7.02 0.05
C LYS A 28 -0.43 -7.08 -1.29
N SER A 29 -1.67 -6.61 -1.28
CA SER A 29 -2.50 -6.62 -2.49
C SER A 29 -2.19 -5.41 -3.36
N HIS A 30 -1.64 -4.36 -2.74
CA HIS A 30 -1.30 -3.14 -3.45
C HIS A 30 -0.05 -3.33 -4.31
N LEU A 31 0.74 -4.34 -3.97
CA LEU A 31 1.96 -4.63 -4.70
C LEU A 31 1.65 -5.32 -6.04
N ARG A 32 0.37 -5.58 -6.27
CA ARG A 32 -0.07 -6.22 -7.50
C ARG A 32 0.10 -5.28 -8.69
N ILE A 33 0.00 -3.98 -8.43
CA ILE A 33 0.13 -2.98 -9.48
C ILE A 33 1.60 -2.67 -9.77
N HIS A 34 2.46 -2.99 -8.81
CA HIS A 34 3.89 -2.76 -8.97
C HIS A 34 4.53 -3.83 -9.84
N THR A 35 4.16 -5.08 -9.60
CA THR A 35 4.70 -6.20 -10.36
C THR A 35 3.58 -7.01 -11.00
N GLY A 36 3.57 -7.04 -12.33
CA GLY A 36 2.55 -7.78 -13.06
C GLY A 36 2.56 -7.48 -14.54
N SER A 37 1.97 -8.38 -15.32
CA SER A 37 1.91 -8.20 -16.77
C SER A 37 0.51 -7.78 -17.21
N GLY A 38 0.43 -6.63 -17.89
CA GLY A 38 -0.84 -6.14 -18.36
C GLY A 38 -0.83 -5.75 -19.82
N PRO A 39 -1.78 -4.92 -20.23
CA PRO A 39 -1.89 -4.46 -21.62
C PRO A 39 -0.76 -3.50 -22.00
N SER A 40 0.25 -4.03 -22.67
CA SER A 40 1.39 -3.22 -23.09
C SER A 40 1.20 -2.71 -24.52
N SER A 41 -0.01 -2.27 -24.83
CA SER A 41 -0.32 -1.77 -26.16
C SER A 41 0.86 -1.03 -26.76
N GLY A 42 1.47 -0.17 -25.94
CA GLY A 42 2.62 0.60 -26.40
C GLY A 42 2.32 2.08 -26.48
ZN ZN B . 3.59 0.75 -3.57
N GLY A 1 -10.66 20.21 -2.05
CA GLY A 1 -10.40 18.81 -2.38
C GLY A 1 -9.45 18.16 -1.40
N SER A 2 -10.00 17.55 -0.35
CA SER A 2 -9.18 16.89 0.66
C SER A 2 -9.87 15.61 1.16
N SER A 3 -9.06 14.67 1.64
CA SER A 3 -9.58 13.41 2.14
C SER A 3 -9.45 13.33 3.66
N GLY A 4 -10.49 12.82 4.31
CA GLY A 4 -10.48 12.69 5.76
C GLY A 4 -9.69 11.49 6.23
N SER A 5 -9.87 11.12 7.50
CA SER A 5 -9.17 9.98 8.07
C SER A 5 -9.85 9.53 9.36
N SER A 6 -10.53 8.39 9.29
CA SER A 6 -11.23 7.84 10.45
C SER A 6 -10.33 6.87 11.21
N GLY A 7 -9.45 7.42 12.04
CA GLY A 7 -8.55 6.58 12.82
C GLY A 7 -8.10 5.35 12.06
N GLY A 8 -7.34 5.56 10.98
CA GLY A 8 -6.87 4.45 10.18
C GLY A 8 -5.42 4.61 9.77
N GLU A 9 -4.54 4.79 10.76
CA GLU A 9 -3.12 4.97 10.49
C GLU A 9 -2.59 3.83 9.62
N LYS A 10 -1.55 4.13 8.84
CA LYS A 10 -0.95 3.14 7.96
C LYS A 10 0.44 2.75 8.45
N PRO A 11 0.49 1.97 9.54
CA PRO A 11 1.75 1.51 10.13
C PRO A 11 2.47 0.50 9.25
N TYR A 12 1.91 0.24 8.07
CA TYR A 12 2.50 -0.72 7.14
C TYR A 12 2.87 -0.04 5.83
N PRO A 13 4.07 0.57 5.79
CA PRO A 13 4.57 1.27 4.61
C PRO A 13 4.91 0.31 3.47
N CYS A 14 4.66 0.75 2.24
CA CYS A 14 4.95 -0.08 1.07
C CYS A 14 6.45 -0.22 0.86
N GLU A 15 6.83 -1.22 0.07
CA GLU A 15 8.24 -1.47 -0.21
C GLU A 15 8.63 -0.94 -1.59
N ILE A 16 7.72 -1.09 -2.55
CA ILE A 16 7.96 -0.62 -3.91
C ILE A 16 8.05 0.90 -3.96
N CYS A 17 6.89 1.55 -3.81
CA CYS A 17 6.84 3.01 -3.84
C CYS A 17 7.04 3.59 -2.44
N GLY A 18 6.28 3.05 -1.47
CA GLY A 18 6.38 3.53 -0.11
C GLY A 18 5.04 3.76 0.53
N THR A 19 4.01 3.92 -0.31
CA THR A 19 2.66 4.15 0.18
C THR A 19 2.32 3.22 1.34
N ARG A 20 1.75 3.78 2.40
CA ARG A 20 1.38 3.01 3.58
C ARG A 20 -0.09 2.61 3.53
N PHE A 21 -0.40 1.45 4.08
CA PHE A 21 -1.77 0.94 4.11
C PHE A 21 -2.23 0.66 5.53
N ARG A 22 -3.46 1.07 5.84
CA ARG A 22 -4.02 0.87 7.17
C ARG A 22 -3.60 -0.50 7.73
N HIS A 23 -3.79 -1.54 6.94
CA HIS A 23 -3.43 -2.89 7.36
C HIS A 23 -2.46 -3.53 6.37
N LEU A 24 -1.78 -4.58 6.81
CA LEU A 24 -0.81 -5.28 5.97
C LEU A 24 -1.51 -6.11 4.91
N GLN A 25 -2.38 -7.02 5.35
CA GLN A 25 -3.13 -7.88 4.43
C GLN A 25 -3.52 -7.11 3.17
N THR A 26 -3.79 -5.83 3.33
CA THR A 26 -4.19 -4.99 2.21
C THR A 26 -2.98 -4.55 1.39
N LEU A 27 -1.90 -4.19 2.08
CA LEU A 27 -0.67 -3.75 1.42
C LEU A 27 -0.16 -4.83 0.48
N LYS A 28 -0.08 -6.06 0.97
CA LYS A 28 0.39 -7.19 0.16
C LYS A 28 -0.36 -7.26 -1.17
N SER A 29 -1.62 -6.84 -1.15
CA SER A 29 -2.44 -6.86 -2.35
C SER A 29 -2.19 -5.63 -3.21
N HIS A 30 -1.60 -4.61 -2.61
CA HIS A 30 -1.28 -3.37 -3.32
C HIS A 30 -0.05 -3.55 -4.21
N LEU A 31 0.82 -4.48 -3.82
CA LEU A 31 2.03 -4.74 -4.59
C LEU A 31 1.70 -5.37 -5.93
N ARG A 32 0.42 -5.65 -6.15
CA ARG A 32 -0.03 -6.25 -7.40
C ARG A 32 0.04 -5.25 -8.55
N ILE A 33 -0.32 -4.00 -8.26
CA ILE A 33 -0.29 -2.95 -9.27
C ILE A 33 1.13 -2.54 -9.60
N HIS A 34 2.08 -3.00 -8.79
CA HIS A 34 3.49 -2.69 -9.00
C HIS A 34 4.13 -3.66 -9.99
N THR A 35 4.38 -4.88 -9.52
CA THR A 35 4.98 -5.90 -10.37
C THR A 35 4.10 -6.22 -11.57
N GLY A 36 2.79 -6.24 -11.35
CA GLY A 36 1.87 -6.53 -12.43
C GLY A 36 1.77 -5.39 -13.43
N SER A 37 1.14 -4.30 -13.02
CA SER A 37 0.98 -3.14 -13.89
C SER A 37 2.32 -2.45 -14.14
N GLY A 38 2.63 -2.21 -15.41
CA GLY A 38 3.88 -1.56 -15.76
C GLY A 38 4.93 -2.55 -16.25
N PRO A 39 6.08 -2.02 -16.67
CA PRO A 39 7.19 -2.84 -17.17
C PRO A 39 7.85 -3.66 -16.06
N SER A 40 7.89 -4.98 -16.25
CA SER A 40 8.49 -5.87 -15.26
C SER A 40 9.59 -6.72 -15.90
N SER A 41 10.61 -7.04 -15.11
CA SER A 41 11.72 -7.85 -15.60
C SER A 41 12.57 -8.36 -14.44
N GLY A 42 12.58 -9.68 -14.26
CA GLY A 42 13.35 -10.28 -13.18
C GLY A 42 14.84 -10.04 -13.34
ZN ZN B . 3.55 0.70 -3.52
N GLY A 1 -5.38 13.99 24.27
CA GLY A 1 -5.54 13.76 25.70
C GLY A 1 -4.21 13.70 26.42
N SER A 2 -4.15 12.89 27.47
CA SER A 2 -2.93 12.76 28.26
C SER A 2 -1.83 12.08 27.44
N SER A 3 -2.21 11.03 26.72
CA SER A 3 -1.25 10.29 25.91
C SER A 3 -1.38 10.68 24.44
N GLY A 4 -2.61 10.66 23.92
CA GLY A 4 -2.84 11.01 22.54
C GLY A 4 -4.11 10.39 21.99
N SER A 5 -4.19 10.27 20.66
CA SER A 5 -5.36 9.70 20.02
C SER A 5 -5.00 9.18 18.63
N SER A 6 -5.40 7.94 18.34
CA SER A 6 -5.12 7.32 17.05
C SER A 6 -6.37 6.65 16.49
N GLY A 7 -6.47 6.61 15.17
CA GLY A 7 -7.62 6.00 14.52
C GLY A 7 -7.24 5.23 13.27
N GLY A 8 -7.29 5.92 12.13
CA GLY A 8 -6.94 5.29 10.87
C GLY A 8 -5.55 5.65 10.39
N GLU A 9 -4.56 4.90 10.86
CA GLU A 9 -3.18 5.15 10.48
C GLU A 9 -2.64 4.03 9.59
N LYS A 10 -1.59 4.33 8.85
CA LYS A 10 -0.98 3.34 7.94
C LYS A 10 0.42 2.97 8.43
N PRO A 11 0.49 2.23 9.55
CA PRO A 11 1.75 1.78 10.12
C PRO A 11 2.44 0.73 9.26
N TYR A 12 1.86 0.43 8.10
CA TYR A 12 2.42 -0.56 7.19
C TYR A 12 2.82 0.08 5.87
N PRO A 13 4.04 0.63 5.83
CA PRO A 13 4.58 1.28 4.63
C PRO A 13 4.88 0.29 3.51
N CYS A 14 4.78 0.76 2.27
CA CYS A 14 5.04 -0.10 1.11
C CYS A 14 6.54 -0.21 0.85
N GLU A 15 6.92 -1.24 0.10
CA GLU A 15 8.33 -1.47 -0.22
C GLU A 15 8.66 -0.94 -1.61
N ILE A 16 7.75 -1.13 -2.55
CA ILE A 16 7.94 -0.67 -3.92
C ILE A 16 8.06 0.86 -3.96
N CYS A 17 6.94 1.54 -3.77
CA CYS A 17 6.91 2.99 -3.80
C CYS A 17 7.06 3.55 -2.39
N GLY A 18 6.27 3.04 -1.46
CA GLY A 18 6.32 3.51 -0.08
C GLY A 18 4.95 3.72 0.51
N THR A 19 3.94 3.85 -0.35
CA THR A 19 2.58 4.06 0.11
C THR A 19 2.23 3.11 1.25
N ARG A 20 1.77 3.68 2.36
CA ARG A 20 1.40 2.88 3.53
C ARG A 20 -0.04 2.39 3.41
N PHE A 21 -0.43 1.48 4.30
CA PHE A 21 -1.79 0.94 4.29
C PHE A 21 -2.25 0.61 5.72
N ARG A 22 -3.49 0.98 6.02
CA ARG A 22 -4.05 0.72 7.34
C ARG A 22 -3.67 -0.67 7.84
N HIS A 23 -3.96 -1.69 7.04
CA HIS A 23 -3.64 -3.06 7.40
C HIS A 23 -2.58 -3.64 6.48
N LEU A 24 -1.92 -4.70 6.92
CA LEU A 24 -0.89 -5.35 6.12
C LEU A 24 -1.49 -6.17 5.00
N GLN A 25 -2.29 -7.17 5.38
CA GLN A 25 -2.94 -8.04 4.40
C GLN A 25 -3.35 -7.25 3.16
N THR A 26 -3.66 -5.97 3.35
CA THR A 26 -4.07 -5.11 2.24
C THR A 26 -2.87 -4.66 1.43
N LEU A 27 -1.84 -4.16 2.11
CA LEU A 27 -0.64 -3.70 1.45
C LEU A 27 -0.09 -4.76 0.50
N LYS A 28 -0.14 -6.01 0.93
CA LYS A 28 0.35 -7.12 0.11
C LYS A 28 -0.39 -7.17 -1.22
N SER A 29 -1.65 -6.73 -1.23
CA SER A 29 -2.46 -6.72 -2.43
C SER A 29 -2.18 -5.47 -3.27
N HIS A 30 -1.55 -4.49 -2.65
CA HIS A 30 -1.22 -3.24 -3.33
C HIS A 30 0.00 -3.41 -4.24
N LEU A 31 0.81 -4.42 -3.94
CA LEU A 31 2.02 -4.69 -4.70
C LEU A 31 1.67 -5.30 -6.06
N ARG A 32 0.38 -5.56 -6.27
CA ARG A 32 -0.09 -6.14 -7.53
C ARG A 32 0.08 -5.15 -8.68
N ILE A 33 -0.12 -3.87 -8.38
CA ILE A 33 0.00 -2.82 -9.38
C ILE A 33 1.47 -2.50 -9.66
N HIS A 34 2.35 -2.99 -8.80
CA HIS A 34 3.77 -2.75 -8.95
C HIS A 34 4.40 -3.79 -9.86
N THR A 35 3.96 -5.03 -9.74
CA THR A 35 4.48 -6.13 -10.55
C THR A 35 3.45 -6.59 -11.58
N GLY A 36 3.29 -5.80 -12.63
CA GLY A 36 2.33 -6.16 -13.67
C GLY A 36 2.83 -5.79 -15.06
N SER A 37 1.90 -5.71 -16.01
CA SER A 37 2.25 -5.38 -17.39
C SER A 37 1.83 -3.95 -17.73
N GLY A 38 2.73 -3.00 -17.49
CA GLY A 38 2.45 -1.61 -17.77
C GLY A 38 3.65 -0.72 -17.57
N PRO A 39 3.39 0.57 -17.29
CA PRO A 39 4.46 1.56 -17.08
C PRO A 39 5.22 1.32 -15.78
N SER A 40 4.84 0.26 -15.06
CA SER A 40 5.49 -0.07 -13.80
C SER A 40 6.97 0.28 -13.83
N SER A 41 7.45 0.90 -12.75
CA SER A 41 8.85 1.29 -12.66
C SER A 41 9.66 0.24 -11.89
N GLY A 42 10.84 -0.07 -12.42
CA GLY A 42 11.69 -1.06 -11.78
C GLY A 42 12.47 -0.49 -10.60
ZN ZN B . 3.64 0.72 -3.47
N GLY A 1 -6.89 12.68 4.04
CA GLY A 1 -5.46 12.62 3.80
C GLY A 1 -4.67 13.49 4.76
N SER A 2 -3.73 12.87 5.48
CA SER A 2 -2.91 13.60 6.44
C SER A 2 -3.74 14.64 7.20
N SER A 3 -4.95 14.24 7.60
CA SER A 3 -5.84 15.14 8.33
C SER A 3 -6.11 14.61 9.73
N GLY A 4 -6.63 13.38 9.81
CA GLY A 4 -6.93 12.78 11.09
C GLY A 4 -5.77 12.86 12.06
N SER A 5 -6.06 12.77 13.35
CA SER A 5 -5.03 12.84 14.38
C SER A 5 -5.19 11.70 15.38
N SER A 6 -4.15 10.86 15.48
CA SER A 6 -4.17 9.73 16.39
C SER A 6 -5.43 8.90 16.20
N GLY A 7 -5.85 8.74 14.94
CA GLY A 7 -7.03 7.97 14.64
C GLY A 7 -7.06 7.49 13.20
N GLY A 8 -6.43 6.35 12.94
CA GLY A 8 -6.40 5.80 11.60
C GLY A 8 -5.12 6.15 10.86
N GLU A 9 -4.06 5.40 11.14
CA GLU A 9 -2.77 5.63 10.49
C GLU A 9 -2.34 4.42 9.67
N LYS A 10 -1.34 4.61 8.82
CA LYS A 10 -0.84 3.54 7.98
C LYS A 10 0.53 3.07 8.45
N PRO A 11 0.55 2.31 9.55
CA PRO A 11 1.79 1.78 10.13
C PRO A 11 2.42 0.70 9.26
N TYR A 12 1.83 0.47 8.10
CA TYR A 12 2.34 -0.54 7.18
C TYR A 12 2.78 0.10 5.86
N PRO A 13 4.03 0.60 5.84
CA PRO A 13 4.60 1.24 4.65
C PRO A 13 4.88 0.25 3.53
N CYS A 14 4.82 0.73 2.29
CA CYS A 14 5.07 -0.12 1.14
C CYS A 14 6.57 -0.27 0.88
N GLU A 15 6.93 -1.28 0.10
CA GLU A 15 8.33 -1.55 -0.22
C GLU A 15 8.68 -1.01 -1.61
N ILE A 16 7.73 -1.13 -2.53
CA ILE A 16 7.94 -0.66 -3.90
C ILE A 16 8.03 0.87 -3.95
N CYS A 17 6.89 1.53 -3.79
CA CYS A 17 6.85 2.99 -3.81
C CYS A 17 6.97 3.57 -2.40
N GLY A 18 6.17 3.03 -1.49
CA GLY A 18 6.21 3.50 -0.12
C GLY A 18 4.82 3.70 0.47
N THR A 19 3.84 3.90 -0.41
CA THR A 19 2.46 4.11 0.02
C THR A 19 2.11 3.21 1.20
N ARG A 20 1.84 3.82 2.35
CA ARG A 20 1.50 3.07 3.55
C ARG A 20 0.04 2.66 3.54
N PHE A 21 -0.31 1.66 4.35
CA PHE A 21 -1.68 1.17 4.42
C PHE A 21 -2.10 0.96 5.87
N ARG A 22 -3.40 0.78 6.09
CA ARG A 22 -3.94 0.57 7.42
C ARG A 22 -3.66 -0.85 7.90
N HIS A 23 -3.81 -1.82 6.99
CA HIS A 23 -3.57 -3.21 7.32
C HIS A 23 -2.52 -3.82 6.39
N LEU A 24 -1.94 -4.94 6.81
CA LEU A 24 -0.93 -5.62 6.02
C LEU A 24 -1.56 -6.37 4.85
N GLN A 25 -2.40 -7.35 5.17
CA GLN A 25 -3.06 -8.15 4.15
C GLN A 25 -3.48 -7.28 2.97
N THR A 26 -3.78 -6.02 3.25
CA THR A 26 -4.19 -5.08 2.20
C THR A 26 -2.99 -4.60 1.39
N LEU A 27 -1.98 -4.11 2.08
CA LEU A 27 -0.77 -3.62 1.42
C LEU A 27 -0.18 -4.68 0.50
N LYS A 28 -0.15 -5.92 0.97
CA LYS A 28 0.38 -7.02 0.19
C LYS A 28 -0.30 -7.10 -1.18
N SER A 29 -1.57 -6.73 -1.22
CA SER A 29 -2.33 -6.76 -2.47
C SER A 29 -2.03 -5.52 -3.31
N HIS A 30 -1.58 -4.46 -2.65
CA HIS A 30 -1.25 -3.21 -3.34
C HIS A 30 -0.01 -3.39 -4.22
N LEU A 31 0.79 -4.41 -3.91
CA LEU A 31 2.01 -4.68 -4.66
C LEU A 31 1.68 -5.26 -6.04
N ARG A 32 0.41 -5.60 -6.23
CA ARG A 32 -0.03 -6.18 -7.51
C ARG A 32 0.15 -5.18 -8.64
N ILE A 33 -0.22 -3.93 -8.40
CA ILE A 33 -0.09 -2.88 -9.41
C ILE A 33 1.37 -2.57 -9.69
N HIS A 34 2.25 -2.99 -8.78
CA HIS A 34 3.68 -2.75 -8.93
C HIS A 34 4.30 -3.80 -9.86
N THR A 35 4.11 -5.06 -9.52
CA THR A 35 4.66 -6.16 -10.31
C THR A 35 3.65 -6.65 -11.35
N GLY A 36 4.06 -6.68 -12.61
CA GLY A 36 3.17 -7.12 -13.67
C GLY A 36 3.79 -6.95 -15.05
N SER A 37 3.83 -5.71 -15.53
CA SER A 37 4.39 -5.43 -16.84
C SER A 37 4.54 -3.93 -17.05
N GLY A 38 5.46 -3.54 -17.93
CA GLY A 38 5.69 -2.14 -18.20
C GLY A 38 4.41 -1.32 -18.17
N PRO A 39 4.52 -0.05 -17.76
CA PRO A 39 3.37 0.86 -17.69
C PRO A 39 2.84 1.24 -19.06
N SER A 40 1.58 1.67 -19.10
CA SER A 40 0.95 2.06 -20.36
C SER A 40 1.36 3.48 -20.75
N SER A 41 1.12 4.42 -19.83
CA SER A 41 1.45 5.82 -20.07
C SER A 41 2.90 6.11 -19.70
N GLY A 42 3.77 6.10 -20.71
CA GLY A 42 5.18 6.37 -20.47
C GLY A 42 5.44 7.79 -20.01
ZN ZN B . 3.59 0.74 -3.39
N GLY A 1 -13.28 3.69 30.26
CA GLY A 1 -14.65 3.24 30.19
C GLY A 1 -15.07 2.85 28.79
N SER A 2 -16.03 3.59 28.24
CA SER A 2 -16.53 3.32 26.89
C SER A 2 -15.38 3.06 25.92
N SER A 3 -15.28 1.83 25.45
CA SER A 3 -14.22 1.46 24.52
C SER A 3 -14.44 2.09 23.15
N GLY A 4 -13.64 3.10 22.83
CA GLY A 4 -13.77 3.78 21.55
C GLY A 4 -12.54 4.59 21.21
N SER A 5 -11.61 3.98 20.48
CA SER A 5 -10.37 4.65 20.08
C SER A 5 -10.21 4.63 18.57
N SER A 6 -10.06 5.80 17.97
CA SER A 6 -9.89 5.92 16.54
C SER A 6 -8.43 5.74 16.13
N GLY A 7 -8.08 4.51 15.75
CA GLY A 7 -6.71 4.24 15.36
C GLY A 7 -6.60 3.83 13.89
N GLY A 8 -6.82 4.81 13.00
CA GLY A 8 -6.74 4.53 11.58
C GLY A 8 -5.45 5.03 10.96
N GLU A 9 -4.36 4.32 11.21
CA GLU A 9 -3.06 4.69 10.68
C GLU A 9 -2.50 3.60 9.77
N LYS A 10 -1.52 3.96 8.95
CA LYS A 10 -0.90 3.02 8.03
C LYS A 10 0.50 2.64 8.51
N PRO A 11 0.56 1.83 9.59
CA PRO A 11 1.83 1.38 10.15
C PRO A 11 2.56 0.38 9.25
N TYR A 12 1.98 0.13 8.09
CA TYR A 12 2.57 -0.80 7.13
C TYR A 12 2.93 -0.10 5.82
N PRO A 13 4.13 0.50 5.80
CA PRO A 13 4.63 1.22 4.62
C PRO A 13 4.95 0.28 3.46
N CYS A 14 4.75 0.77 2.23
CA CYS A 14 5.02 -0.03 1.04
C CYS A 14 6.51 -0.13 0.78
N GLU A 15 6.91 -1.11 -0.03
CA GLU A 15 8.31 -1.31 -0.36
C GLU A 15 8.64 -0.74 -1.74
N ILE A 16 7.72 -0.92 -2.67
CA ILE A 16 7.90 -0.43 -4.03
C ILE A 16 7.93 1.10 -4.07
N CYS A 17 6.76 1.71 -3.86
CA CYS A 17 6.65 3.16 -3.87
C CYS A 17 6.87 3.72 -2.46
N GLY A 18 6.22 3.11 -1.48
CA GLY A 18 6.36 3.56 -0.10
C GLY A 18 5.02 3.80 0.56
N THR A 19 3.99 4.02 -0.25
CA THR A 19 2.65 4.27 0.27
C THR A 19 2.29 3.28 1.36
N ARG A 20 1.83 3.79 2.49
CA ARG A 20 1.45 2.94 3.62
C ARG A 20 -0.01 2.56 3.54
N PHE A 21 -0.37 1.44 4.18
CA PHE A 21 -1.74 0.96 4.18
C PHE A 21 -2.20 0.64 5.60
N ARG A 22 -3.44 1.05 5.92
CA ARG A 22 -4.00 0.81 7.24
C ARG A 22 -3.58 -0.56 7.76
N HIS A 23 -3.84 -1.60 6.97
CA HIS A 23 -3.49 -2.96 7.36
C HIS A 23 -2.53 -3.58 6.34
N LEU A 24 -1.80 -4.59 6.79
CA LEU A 24 -0.84 -5.27 5.92
C LEU A 24 -1.55 -6.09 4.85
N GLN A 25 -2.41 -7.01 5.29
CA GLN A 25 -3.16 -7.86 4.37
C GLN A 25 -3.58 -7.08 3.13
N THR A 26 -3.81 -5.79 3.30
CA THR A 26 -4.22 -4.93 2.19
C THR A 26 -3.02 -4.50 1.37
N LEU A 27 -1.93 -4.13 2.05
CA LEU A 27 -0.72 -3.70 1.37
C LEU A 27 -0.22 -4.76 0.41
N LYS A 28 -0.22 -6.01 0.86
CA LYS A 28 0.24 -7.12 0.04
C LYS A 28 -0.51 -7.16 -1.29
N SER A 29 -1.77 -6.72 -1.27
CA SER A 29 -2.59 -6.71 -2.48
C SER A 29 -2.28 -5.48 -3.32
N HIS A 30 -1.67 -4.47 -2.69
CA HIS A 30 -1.33 -3.23 -3.38
C HIS A 30 -0.09 -3.43 -4.25
N LEU A 31 0.77 -4.35 -3.85
CA LEU A 31 1.99 -4.64 -4.59
C LEU A 31 1.68 -5.35 -5.90
N ARG A 32 0.41 -5.69 -6.10
CA ARG A 32 -0.02 -6.36 -7.32
C ARG A 32 0.13 -5.46 -8.53
N ILE A 33 -0.11 -4.17 -8.33
CA ILE A 33 -0.01 -3.20 -9.41
C ILE A 33 1.45 -2.87 -9.72
N HIS A 34 2.30 -2.99 -8.71
CA HIS A 34 3.72 -2.71 -8.87
C HIS A 34 4.38 -3.75 -9.77
N THR A 35 4.29 -5.02 -9.36
CA THR A 35 4.88 -6.11 -10.13
C THR A 35 3.81 -6.89 -10.89
N GLY A 36 3.97 -6.98 -12.20
CA GLY A 36 3.00 -7.71 -13.02
C GLY A 36 3.66 -8.39 -14.21
N SER A 37 3.19 -9.59 -14.53
CA SER A 37 3.74 -10.34 -15.64
C SER A 37 2.62 -10.81 -16.58
N GLY A 38 1.64 -9.94 -16.81
CA GLY A 38 0.53 -10.29 -17.68
C GLY A 38 0.55 -9.51 -18.97
N PRO A 39 -0.36 -9.87 -19.90
CA PRO A 39 -0.46 -9.22 -21.21
C PRO A 39 -0.99 -7.79 -21.10
N SER A 40 -0.17 -6.83 -21.52
CA SER A 40 -0.55 -5.42 -21.47
C SER A 40 -1.81 -5.17 -22.29
N SER A 41 -2.30 -3.94 -22.26
CA SER A 41 -3.50 -3.57 -23.01
C SER A 41 -3.50 -4.21 -24.40
N GLY A 42 -4.67 -4.29 -25.01
CA GLY A 42 -4.80 -4.87 -26.33
C GLY A 42 -4.08 -4.06 -27.40
ZN ZN B . 3.46 0.73 -3.50
N GLY A 1 -15.25 -1.35 14.25
CA GLY A 1 -14.71 -2.12 15.36
C GLY A 1 -13.62 -1.38 16.10
N SER A 2 -12.81 -2.12 16.85
CA SER A 2 -11.73 -1.52 17.63
C SER A 2 -10.37 -2.09 17.20
N SER A 3 -9.34 -1.25 17.25
CA SER A 3 -8.00 -1.68 16.87
C SER A 3 -7.24 -2.25 18.06
N GLY A 4 -6.11 -2.88 17.79
CA GLY A 4 -5.31 -3.46 18.85
C GLY A 4 -4.59 -2.42 19.69
N SER A 5 -3.75 -2.87 20.61
CA SER A 5 -3.00 -1.97 21.48
C SER A 5 -2.03 -1.12 20.68
N SER A 6 -1.28 -1.77 19.79
CA SER A 6 -0.30 -1.08 18.96
C SER A 6 -0.71 -1.12 17.49
N GLY A 7 -1.17 0.02 16.98
CA GLY A 7 -1.59 0.09 15.59
C GLY A 7 -1.05 1.33 14.89
N GLY A 8 -1.92 2.30 14.67
CA GLY A 8 -1.51 3.52 13.99
C GLY A 8 -2.16 3.70 12.64
N GLU A 9 -1.87 4.81 11.98
CA GLU A 9 -2.43 5.09 10.66
C GLU A 9 -1.50 4.62 9.56
N LYS A 10 -1.81 3.46 8.97
CA LYS A 10 -1.00 2.89 7.91
C LYS A 10 0.41 2.58 8.40
N PRO A 11 0.50 1.80 9.48
CA PRO A 11 1.77 1.41 10.08
C PRO A 11 2.55 0.42 9.20
N TYR A 12 2.00 0.15 8.02
CA TYR A 12 2.64 -0.77 7.09
C TYR A 12 2.98 -0.08 5.78
N PRO A 13 4.15 0.58 5.76
CA PRO A 13 4.63 1.31 4.58
C PRO A 13 5.03 0.38 3.44
N CYS A 14 4.58 0.70 2.24
CA CYS A 14 4.88 -0.12 1.07
C CYS A 14 6.40 -0.25 0.87
N GLU A 15 6.81 -1.24 0.09
CA GLU A 15 8.22 -1.47 -0.17
C GLU A 15 8.61 -0.94 -1.55
N ILE A 16 7.71 -1.09 -2.51
CA ILE A 16 7.96 -0.62 -3.86
C ILE A 16 8.04 0.90 -3.93
N CYS A 17 6.89 1.55 -3.78
CA CYS A 17 6.82 3.01 -3.81
C CYS A 17 6.96 3.59 -2.40
N GLY A 18 6.21 3.03 -1.46
CA GLY A 18 6.26 3.51 -0.09
C GLY A 18 4.88 3.70 0.51
N THR A 19 3.89 3.97 -0.34
CA THR A 19 2.52 4.18 0.11
C THR A 19 2.17 3.24 1.25
N ARG A 20 1.74 3.81 2.38
CA ARG A 20 1.38 3.02 3.54
C ARG A 20 -0.08 2.56 3.45
N PHE A 21 -0.44 1.60 4.30
CA PHE A 21 -1.80 1.07 4.30
C PHE A 21 -2.25 0.76 5.73
N ARG A 22 -3.42 1.25 6.10
CA ARG A 22 -3.96 1.03 7.43
C ARG A 22 -3.62 -0.38 7.93
N HIS A 23 -3.67 -1.34 7.02
CA HIS A 23 -3.36 -2.73 7.37
C HIS A 23 -2.33 -3.32 6.40
N LEU A 24 -1.82 -4.50 6.73
CA LEU A 24 -0.84 -5.17 5.89
C LEU A 24 -1.52 -6.02 4.82
N GLN A 25 -2.35 -6.96 5.26
CA GLN A 25 -3.07 -7.84 4.34
C GLN A 25 -3.47 -7.09 3.08
N THR A 26 -3.89 -5.84 3.25
CA THR A 26 -4.32 -5.02 2.12
C THR A 26 -3.12 -4.55 1.30
N LEU A 27 -2.05 -4.16 1.99
CA LEU A 27 -0.84 -3.70 1.33
C LEU A 27 -0.26 -4.78 0.43
N LYS A 28 -0.02 -5.95 1.00
CA LYS A 28 0.54 -7.07 0.25
C LYS A 28 -0.13 -7.19 -1.11
N SER A 29 -1.42 -6.88 -1.17
CA SER A 29 -2.18 -6.94 -2.42
C SER A 29 -1.90 -5.73 -3.29
N HIS A 30 -1.60 -4.61 -2.64
CA HIS A 30 -1.31 -3.37 -3.37
C HIS A 30 -0.06 -3.51 -4.23
N LEU A 31 0.80 -4.46 -3.85
CA LEU A 31 2.03 -4.70 -4.59
C LEU A 31 1.74 -5.30 -5.96
N ARG A 32 0.47 -5.60 -6.20
CA ARG A 32 0.06 -6.20 -7.47
C ARG A 32 0.24 -5.19 -8.62
N ILE A 33 -0.23 -3.97 -8.40
CA ILE A 33 -0.11 -2.93 -9.42
C ILE A 33 1.34 -2.60 -9.72
N HIS A 34 2.22 -2.92 -8.77
CA HIS A 34 3.65 -2.68 -8.94
C HIS A 34 4.28 -3.72 -9.85
N THR A 35 4.07 -4.99 -9.52
CA THR A 35 4.63 -6.08 -10.31
C THR A 35 3.57 -6.72 -11.19
N GLY A 36 3.79 -6.69 -12.50
CA GLY A 36 2.85 -7.27 -13.42
C GLY A 36 3.25 -8.66 -13.87
N SER A 37 4.54 -8.89 -14.02
CA SER A 37 5.05 -10.19 -14.44
C SER A 37 4.49 -10.57 -15.81
N GLY A 38 4.45 -9.59 -16.71
CA GLY A 38 3.95 -9.83 -18.05
C GLY A 38 4.78 -9.17 -19.12
N PRO A 39 4.17 -8.94 -20.30
CA PRO A 39 4.85 -8.29 -21.43
C PRO A 39 5.13 -6.82 -21.18
N SER A 40 6.39 -6.49 -20.93
CA SER A 40 6.77 -5.11 -20.67
C SER A 40 6.09 -4.16 -21.65
N SER A 41 6.07 -2.87 -21.30
CA SER A 41 5.45 -1.86 -22.13
C SER A 41 6.49 -0.90 -22.70
N GLY A 42 6.43 -0.68 -24.01
CA GLY A 42 7.37 0.23 -24.65
C GLY A 42 8.58 -0.51 -25.21
ZN ZN B . 3.47 0.80 -3.41
#